data_2EMH
#
_entry.id   2EMH
#
loop_
_entity.id
_entity.type
_entity.pdbx_description
1 polymer 'Zinc finger protein 484'
2 non-polymer 'ZINC ION'
#
_entity_poly.entity_id   1
_entity_poly.type   'polypeptide(L)'
_entity_poly.pdbx_seq_one_letter_code
;GSSGSSGTGERPYICTVCGKAFTDRSNLIKHQKIHTGEKPSGPSSG
;
_entity_poly.pdbx_strand_id   A
#
loop_
_chem_comp.id
_chem_comp.type
_chem_comp.name
_chem_comp.formula
ZN non-polymer 'ZINC ION' 'Zn 2'
#
# COMPACT_ATOMS: atom_id res chain seq x y z
N GLY A 1 -16.80 -16.98 -5.43
CA GLY A 1 -15.95 -15.83 -5.20
C GLY A 1 -16.02 -14.83 -6.34
N SER A 2 -15.28 -13.73 -6.20
CA SER A 2 -15.25 -12.69 -7.22
C SER A 2 -13.95 -11.90 -7.17
N SER A 3 -13.13 -12.08 -8.20
CA SER A 3 -11.85 -11.38 -8.28
C SER A 3 -11.50 -11.03 -9.72
N GLY A 4 -11.39 -9.74 -10.00
CA GLY A 4 -11.08 -9.29 -11.34
C GLY A 4 -9.84 -8.41 -11.39
N SER A 5 -8.81 -8.87 -12.08
CA SER A 5 -7.56 -8.12 -12.19
C SER A 5 -7.00 -8.19 -13.61
N SER A 6 -6.09 -7.28 -13.92
CA SER A 6 -5.48 -7.25 -15.24
C SER A 6 -5.03 -8.64 -15.68
N GLY A 7 -4.85 -9.53 -14.71
CA GLY A 7 -4.43 -10.88 -15.02
C GLY A 7 -3.17 -11.28 -14.27
N THR A 8 -2.30 -12.02 -14.93
CA THR A 8 -1.05 -12.47 -14.32
C THR A 8 0.03 -11.40 -14.43
N GLY A 9 1.00 -11.45 -13.52
CA GLY A 9 2.08 -10.47 -13.54
C GLY A 9 2.24 -9.77 -12.20
N GLU A 10 3.49 -9.58 -11.79
CA GLU A 10 3.78 -8.91 -10.52
C GLU A 10 4.34 -7.51 -10.76
N ARG A 11 4.59 -6.78 -9.68
CA ARG A 11 5.13 -5.44 -9.77
C ARG A 11 6.43 -5.32 -8.99
N PRO A 12 7.29 -4.37 -9.42
CA PRO A 12 8.58 -4.14 -8.77
C PRO A 12 8.43 -3.52 -7.38
N TYR A 13 7.65 -2.45 -7.30
CA TYR A 13 7.42 -1.77 -6.03
C TYR A 13 6.19 -2.32 -5.31
N ILE A 14 6.30 -2.49 -4.00
CA ILE A 14 5.20 -3.01 -3.21
C ILE A 14 5.17 -2.38 -1.83
N CYS A 15 4.10 -1.65 -1.53
CA CYS A 15 3.96 -0.99 -0.24
C CYS A 15 4.26 -1.95 0.91
N THR A 16 5.39 -1.72 1.57
CA THR A 16 5.80 -2.58 2.68
C THR A 16 5.15 -2.12 3.99
N VAL A 17 3.91 -1.67 3.90
CA VAL A 17 3.17 -1.21 5.07
C VAL A 17 1.82 -1.91 5.19
N CYS A 18 1.07 -1.92 4.09
CA CYS A 18 -0.24 -2.56 4.07
C CYS A 18 -0.21 -3.83 3.24
N GLY A 19 0.50 -3.78 2.11
CA GLY A 19 0.60 -4.95 1.24
C GLY A 19 0.06 -4.68 -0.15
N LYS A 20 0.22 -3.44 -0.61
CA LYS A 20 -0.26 -3.06 -1.94
C LYS A 20 0.89 -2.98 -2.94
N ALA A 21 0.59 -3.23 -4.20
CA ALA A 21 1.60 -3.19 -5.25
C ALA A 21 1.43 -1.94 -6.12
N PHE A 22 2.52 -1.51 -6.76
CA PHE A 22 2.49 -0.33 -7.62
C PHE A 22 3.47 -0.50 -8.78
N THR A 23 3.02 -0.14 -9.97
CA THR A 23 3.85 -0.24 -11.17
C THR A 23 4.93 0.82 -11.17
N ASP A 24 4.52 2.08 -11.01
CA ASP A 24 5.46 3.20 -11.00
C ASP A 24 5.81 3.59 -9.57
N ARG A 25 7.09 3.86 -9.33
CA ARG A 25 7.54 4.25 -8.00
C ARG A 25 6.75 5.45 -7.48
N SER A 26 6.68 6.50 -8.29
CA SER A 26 5.96 7.71 -7.91
C SER A 26 4.58 7.35 -7.33
N ASN A 27 3.82 6.55 -8.06
CA ASN A 27 2.50 6.13 -7.61
C ASN A 27 2.54 5.62 -6.18
N LEU A 28 3.51 4.75 -5.89
CA LEU A 28 3.66 4.19 -4.56
C LEU A 28 3.82 5.28 -3.51
N ILE A 29 4.77 6.18 -3.75
CA ILE A 29 5.03 7.29 -2.83
C ILE A 29 3.74 8.05 -2.53
N LYS A 30 2.93 8.26 -3.55
CA LYS A 30 1.66 8.98 -3.39
C LYS A 30 0.71 8.21 -2.48
N HIS A 31 0.80 6.88 -2.52
CA HIS A 31 -0.04 6.04 -1.69
C HIS A 31 0.33 6.16 -0.21
N GLN A 32 1.62 6.19 0.06
CA GLN A 32 2.11 6.30 1.43
C GLN A 32 1.43 7.47 2.15
N LYS A 33 0.93 8.42 1.37
CA LYS A 33 0.26 9.60 1.93
C LYS A 33 -0.85 9.17 2.89
N ILE A 34 -1.27 7.91 2.80
CA ILE A 34 -2.32 7.38 3.67
C ILE A 34 -1.74 6.89 4.98
N HIS A 35 -0.52 6.39 4.94
CA HIS A 35 0.15 5.87 6.14
C HIS A 35 0.83 7.00 6.90
N THR A 36 1.24 8.04 6.17
CA THR A 36 1.91 9.19 6.79
C THR A 36 0.90 10.24 7.23
N GLY A 37 -0.22 10.31 6.53
CA GLY A 37 -1.25 11.27 6.87
C GLY A 37 -2.62 10.65 6.96
N GLU A 38 -3.03 10.31 8.18
CA GLU A 38 -4.34 9.70 8.40
C GLU A 38 -5.22 10.59 9.27
N LYS A 39 -4.62 11.18 10.30
CA LYS A 39 -5.35 12.06 11.21
C LYS A 39 -4.63 13.39 11.37
N PRO A 40 -5.41 14.47 11.53
CA PRO A 40 -4.87 15.82 11.70
C PRO A 40 -4.15 16.00 13.03
N SER A 41 -3.54 17.17 13.22
CA SER A 41 -2.83 17.47 14.45
C SER A 41 -3.78 17.61 15.63
N GLY A 42 -4.10 16.50 16.27
CA GLY A 42 -5.02 16.52 17.40
C GLY A 42 -4.54 15.65 18.55
N PRO A 43 -5.46 15.30 19.45
CA PRO A 43 -5.15 14.46 20.62
C PRO A 43 -4.82 13.03 20.23
N SER A 44 -5.03 12.69 18.96
CA SER A 44 -4.76 11.35 18.46
C SER A 44 -3.31 10.96 18.71
N SER A 45 -3.08 9.69 19.02
CA SER A 45 -1.73 9.19 19.29
C SER A 45 -1.33 8.15 18.24
N GLY A 46 -1.62 8.44 16.98
CA GLY A 46 -1.26 7.53 15.92
C GLY A 46 -2.16 6.30 15.89
ZN ZN B . 0.07 1.07 1.73
N GLY A 1 -14.55 -17.34 -2.86
CA GLY A 1 -14.47 -16.05 -3.52
C GLY A 1 -13.82 -16.15 -4.88
N SER A 2 -14.07 -15.15 -5.73
CA SER A 2 -13.51 -15.13 -7.08
C SER A 2 -13.21 -13.70 -7.52
N SER A 3 -11.98 -13.47 -7.95
CA SER A 3 -11.55 -12.14 -8.39
C SER A 3 -11.82 -11.97 -9.88
N GLY A 4 -11.26 -12.87 -10.69
CA GLY A 4 -11.45 -12.79 -12.12
C GLY A 4 -11.33 -11.37 -12.65
N SER A 5 -10.19 -10.75 -12.41
CA SER A 5 -9.96 -9.38 -12.87
C SER A 5 -8.48 -9.17 -13.22
N SER A 6 -8.23 -8.26 -14.15
CA SER A 6 -6.87 -7.95 -14.59
C SER A 6 -6.04 -7.40 -13.43
N GLY A 7 -4.84 -7.94 -13.27
CA GLY A 7 -3.97 -7.48 -12.20
C GLY A 7 -3.62 -8.59 -11.22
N THR A 8 -2.64 -9.40 -11.59
CA THR A 8 -2.21 -10.51 -10.74
C THR A 8 -1.13 -10.06 -9.76
N GLY A 9 -0.31 -9.11 -10.18
CA GLY A 9 0.76 -8.61 -9.32
C GLY A 9 2.11 -8.66 -9.99
N GLU A 10 3.09 -9.22 -9.29
CA GLU A 10 4.45 -9.34 -9.82
C GLU A 10 5.00 -7.97 -10.20
N ARG A 11 4.79 -6.99 -9.32
CA ARG A 11 5.27 -5.63 -9.56
C ARG A 11 6.57 -5.37 -8.81
N PRO A 12 7.36 -4.42 -9.32
CA PRO A 12 8.65 -4.04 -8.72
C PRO A 12 8.48 -3.33 -7.39
N TYR A 13 7.60 -2.33 -7.37
CA TYR A 13 7.35 -1.57 -6.16
C TYR A 13 6.12 -2.11 -5.41
N ILE A 14 6.26 -2.28 -4.10
CA ILE A 14 5.17 -2.78 -3.28
C ILE A 14 5.21 -2.17 -1.89
N CYS A 15 4.12 -1.51 -1.51
CA CYS A 15 4.02 -0.88 -0.20
C CYS A 15 4.16 -1.92 0.92
N THR A 16 5.14 -1.71 1.80
CA THR A 16 5.38 -2.62 2.91
C THR A 16 4.50 -2.27 4.10
N VAL A 17 3.96 -1.05 4.11
CA VAL A 17 3.10 -0.60 5.19
C VAL A 17 1.80 -1.39 5.24
N CYS A 18 1.10 -1.43 4.11
CA CYS A 18 -0.16 -2.16 4.01
C CYS A 18 0.02 -3.46 3.23
N GLY A 19 0.74 -3.37 2.12
CA GLY A 19 0.97 -4.55 1.30
C GLY A 19 0.42 -4.39 -0.10
N LYS A 20 0.32 -3.15 -0.57
CA LYS A 20 -0.20 -2.87 -1.90
C LYS A 20 0.92 -2.85 -2.93
N ALA A 21 0.57 -3.09 -4.18
CA ALA A 21 1.54 -3.10 -5.27
C ALA A 21 1.30 -1.93 -6.23
N PHE A 22 2.36 -1.51 -6.91
CA PHE A 22 2.27 -0.41 -7.86
C PHE A 22 3.26 -0.58 -9.01
N THR A 23 2.88 -0.12 -10.19
CA THR A 23 3.74 -0.24 -11.37
C THR A 23 4.90 0.72 -11.29
N ASP A 24 4.63 1.97 -10.92
CA ASP A 24 5.66 2.99 -10.81
C ASP A 24 5.82 3.43 -9.36
N ARG A 25 7.08 3.65 -8.95
CA ARG A 25 7.37 4.07 -7.59
C ARG A 25 6.59 5.33 -7.23
N SER A 26 6.46 6.25 -8.18
CA SER A 26 5.75 7.49 -7.97
C SER A 26 4.41 7.23 -7.30
N ASN A 27 3.55 6.46 -7.96
CA ASN A 27 2.24 6.14 -7.44
C ASN A 27 2.34 5.58 -6.01
N LEU A 28 3.36 4.76 -5.78
CA LEU A 28 3.57 4.17 -4.47
C LEU A 28 3.87 5.24 -3.43
N ILE A 29 4.83 6.10 -3.73
CA ILE A 29 5.21 7.18 -2.82
C ILE A 29 3.99 7.98 -2.39
N LYS A 30 3.17 8.36 -3.36
CA LYS A 30 1.96 9.14 -3.08
C LYS A 30 0.95 8.31 -2.30
N HIS A 31 0.91 7.01 -2.59
CA HIS A 31 -0.01 6.10 -1.91
C HIS A 31 0.35 5.96 -0.44
N GLN A 32 1.64 5.88 -0.15
CA GLN A 32 2.12 5.73 1.21
C GLN A 32 1.66 6.90 2.08
N LYS A 33 1.23 7.98 1.42
CA LYS A 33 0.76 9.16 2.13
C LYS A 33 -0.49 8.85 2.94
N ILE A 34 -1.17 7.78 2.58
CA ILE A 34 -2.39 7.37 3.27
C ILE A 34 -2.07 6.69 4.60
N HIS A 35 -0.78 6.48 4.85
CA HIS A 35 -0.33 5.86 6.08
C HIS A 35 0.27 6.88 7.03
N THR A 36 0.68 8.02 6.49
CA THR A 36 1.27 9.09 7.28
C THR A 36 0.21 9.88 8.03
N GLY A 37 -0.94 10.09 7.36
CA GLY A 37 -2.02 10.84 7.98
C GLY A 37 -3.11 9.93 8.51
N GLU A 38 -3.39 10.05 9.80
CA GLU A 38 -4.43 9.24 10.44
C GLU A 38 -5.61 10.10 10.86
N LYS A 39 -6.78 9.47 10.97
CA LYS A 39 -7.99 10.17 11.37
C LYS A 39 -8.48 9.68 12.73
N PRO A 40 -9.19 10.57 13.45
CA PRO A 40 -9.73 10.25 14.78
C PRO A 40 -10.87 9.24 14.71
N SER A 41 -11.16 8.76 13.51
CA SER A 41 -12.23 7.78 13.31
C SER A 41 -11.78 6.39 13.74
N GLY A 42 -12.57 5.76 14.61
CA GLY A 42 -12.24 4.43 15.08
C GLY A 42 -13.47 3.58 15.34
N PRO A 43 -14.20 3.91 16.41
CA PRO A 43 -15.42 3.19 16.79
C PRO A 43 -16.57 3.42 15.82
N SER A 44 -16.29 4.18 14.77
CA SER A 44 -17.30 4.48 13.76
C SER A 44 -18.25 3.30 13.56
N SER A 45 -19.51 3.60 13.29
CA SER A 45 -20.52 2.57 13.08
C SER A 45 -19.90 1.35 12.40
N GLY A 46 -20.35 0.16 12.82
CA GLY A 46 -19.84 -1.07 12.25
C GLY A 46 -20.00 -1.11 10.74
ZN ZN B . 0.25 1.33 1.53
N GLY A 1 -8.65 -10.07 4.49
CA GLY A 1 -9.94 -10.72 4.38
C GLY A 1 -9.82 -12.17 3.96
N SER A 2 -10.84 -12.69 3.30
CA SER A 2 -10.86 -14.07 2.86
C SER A 2 -9.93 -14.27 1.65
N SER A 3 -8.66 -14.53 1.93
CA SER A 3 -7.67 -14.73 0.87
C SER A 3 -7.70 -16.17 0.37
N GLY A 4 -8.05 -16.34 -0.91
CA GLY A 4 -8.11 -17.66 -1.49
C GLY A 4 -7.73 -17.66 -2.95
N SER A 5 -8.70 -17.42 -3.82
CA SER A 5 -8.45 -17.41 -5.26
C SER A 5 -8.08 -16.01 -5.73
N SER A 6 -6.81 -15.81 -6.06
CA SER A 6 -6.32 -14.51 -6.51
C SER A 6 -5.19 -14.68 -7.52
N GLY A 7 -5.31 -14.02 -8.67
CA GLY A 7 -4.29 -14.12 -9.70
C GLY A 7 -2.91 -13.76 -9.17
N THR A 8 -1.92 -13.82 -10.05
CA THR A 8 -0.55 -13.51 -9.67
C THR A 8 -0.04 -12.27 -10.41
N GLY A 9 1.00 -11.64 -9.86
CA GLY A 9 1.56 -10.45 -10.47
C GLY A 9 2.42 -9.66 -9.51
N GLU A 10 3.61 -10.17 -9.21
CA GLU A 10 4.52 -9.50 -8.30
C GLU A 10 5.10 -8.23 -8.94
N ARG A 11 5.13 -7.16 -8.17
CA ARG A 11 5.65 -5.89 -8.67
C ARG A 11 6.87 -5.46 -7.85
N PRO A 12 7.75 -4.66 -8.49
CA PRO A 12 8.98 -4.17 -7.85
C PRO A 12 8.68 -3.13 -6.78
N TYR A 13 7.65 -2.33 -7.00
CA TYR A 13 7.27 -1.28 -6.05
C TYR A 13 6.08 -1.74 -5.20
N ILE A 14 6.36 -2.18 -3.99
CA ILE A 14 5.32 -2.64 -3.07
C ILE A 14 5.30 -1.80 -1.79
N CYS A 15 4.13 -1.66 -1.20
CA CYS A 15 3.98 -0.90 0.03
C CYS A 15 4.24 -1.78 1.25
N THR A 16 5.32 -1.48 1.97
CA THR A 16 5.68 -2.24 3.16
C THR A 16 4.94 -1.73 4.39
N VAL A 17 3.73 -1.21 4.17
CA VAL A 17 2.92 -0.68 5.26
C VAL A 17 1.56 -1.38 5.31
N CYS A 18 0.94 -1.53 4.15
CA CYS A 18 -0.37 -2.17 4.05
C CYS A 18 -0.28 -3.46 3.24
N GLY A 19 0.50 -3.43 2.17
CA GLY A 19 0.66 -4.61 1.33
C GLY A 19 0.01 -4.44 -0.03
N LYS A 20 0.42 -3.41 -0.75
CA LYS A 20 -0.13 -3.14 -2.07
C LYS A 20 0.97 -3.12 -3.14
N ALA A 21 0.57 -3.09 -4.40
CA ALA A 21 1.53 -3.06 -5.50
C ALA A 21 1.31 -1.82 -6.38
N PHE A 22 2.36 -1.42 -7.08
CA PHE A 22 2.29 -0.26 -7.96
C PHE A 22 3.31 -0.35 -9.09
N THR A 23 2.90 0.03 -10.29
CA THR A 23 3.79 -0.01 -11.45
C THR A 23 4.72 1.20 -11.48
N ASP A 24 4.18 2.36 -11.16
CA ASP A 24 4.97 3.59 -11.15
C ASP A 24 5.46 3.91 -9.75
N ARG A 25 6.77 3.79 -9.53
CA ARG A 25 7.36 4.05 -8.23
C ARG A 25 6.68 5.25 -7.57
N SER A 26 6.34 6.26 -8.37
CA SER A 26 5.70 7.46 -7.85
C SER A 26 4.36 7.11 -7.21
N ASN A 27 3.54 6.35 -7.92
CA ASN A 27 2.22 5.95 -7.43
C ASN A 27 2.34 5.27 -6.06
N LEU A 28 3.49 4.64 -5.82
CA LEU A 28 3.73 3.94 -4.57
C LEU A 28 4.08 4.93 -3.46
N ILE A 29 4.88 5.93 -3.81
CA ILE A 29 5.30 6.95 -2.85
C ILE A 29 4.14 7.89 -2.50
N LYS A 30 3.26 8.11 -3.47
CA LYS A 30 2.12 8.99 -3.26
C LYS A 30 1.02 8.26 -2.51
N HIS A 31 1.03 6.93 -2.56
CA HIS A 31 0.04 6.12 -1.88
C HIS A 31 0.38 5.97 -0.40
N GLN A 32 1.65 5.71 -0.12
CA GLN A 32 2.11 5.55 1.26
C GLN A 32 1.71 6.75 2.12
N LYS A 33 1.33 7.83 1.46
CA LYS A 33 0.92 9.05 2.16
C LYS A 33 -0.29 8.78 3.06
N ILE A 34 -1.14 7.85 2.63
CA ILE A 34 -2.33 7.50 3.39
C ILE A 34 -1.96 6.99 4.78
N HIS A 35 -0.80 6.34 4.88
CA HIS A 35 -0.33 5.80 6.15
C HIS A 35 0.41 6.86 6.95
N THR A 36 0.90 7.89 6.25
CA THR A 36 1.63 8.97 6.89
C THR A 36 0.91 10.30 6.74
N GLY A 37 -0.42 10.26 6.84
CA GLY A 37 -1.21 11.47 6.70
C GLY A 37 -2.53 11.38 7.44
N GLU A 38 -3.47 10.61 6.90
CA GLU A 38 -4.78 10.45 7.50
C GLU A 38 -5.02 8.99 7.91
N LYS A 39 -4.82 8.70 9.19
CA LYS A 39 -5.01 7.35 9.70
C LYS A 39 -6.23 6.69 9.05
N PRO A 40 -6.13 5.38 8.82
CA PRO A 40 -7.22 4.60 8.21
C PRO A 40 -8.42 4.44 9.13
N SER A 41 -9.56 4.97 8.72
CA SER A 41 -10.78 4.88 9.52
C SER A 41 -11.87 4.14 8.76
N GLY A 42 -12.17 2.92 9.22
CA GLY A 42 -13.20 2.13 8.57
C GLY A 42 -13.18 2.26 7.06
N PRO A 43 -12.27 1.52 6.42
CA PRO A 43 -12.11 1.54 4.96
C PRO A 43 -13.29 0.88 4.24
N SER A 44 -13.53 1.29 3.01
CA SER A 44 -14.63 0.75 2.22
C SER A 44 -14.28 0.71 0.74
N SER A 45 -14.97 -0.14 -0.01
CA SER A 45 -14.73 -0.27 -1.44
C SER A 45 -13.33 -0.83 -1.71
N GLY A 46 -12.98 -1.88 -0.96
CA GLY A 46 -11.67 -2.50 -1.13
C GLY A 46 -11.77 -3.95 -1.57
ZN ZN B . 0.09 1.41 1.64
N GLY A 1 6.83 -22.35 -3.28
CA GLY A 1 6.31 -23.36 -4.19
C GLY A 1 4.96 -23.88 -3.77
N SER A 2 3.93 -23.04 -3.90
CA SER A 2 2.58 -23.41 -3.51
C SER A 2 1.81 -23.96 -4.72
N SER A 3 0.86 -24.85 -4.45
CA SER A 3 0.06 -25.44 -5.50
C SER A 3 -0.82 -24.40 -6.18
N GLY A 4 -1.48 -23.57 -5.38
CA GLY A 4 -2.34 -22.54 -5.92
C GLY A 4 -1.64 -21.20 -6.05
N SER A 5 -1.39 -20.80 -7.29
CA SER A 5 -0.70 -19.53 -7.55
C SER A 5 -1.54 -18.65 -8.46
N SER A 6 -1.92 -17.48 -7.95
CA SER A 6 -2.74 -16.54 -8.72
C SER A 6 -1.85 -15.57 -9.50
N GLY A 7 -0.90 -14.96 -8.81
CA GLY A 7 0.00 -14.02 -9.46
C GLY A 7 -0.73 -12.86 -10.10
N THR A 8 -1.06 -13.00 -11.38
CA THR A 8 -1.76 -11.95 -12.10
C THR A 8 -0.87 -10.74 -12.33
N GLY A 9 0.40 -10.99 -12.64
CA GLY A 9 1.34 -9.91 -12.88
C GLY A 9 2.12 -9.53 -11.64
N GLU A 10 3.44 -9.44 -11.77
CA GLU A 10 4.30 -9.09 -10.65
C GLU A 10 4.75 -7.64 -10.74
N ARG A 11 4.57 -6.90 -9.65
CA ARG A 11 4.97 -5.49 -9.61
C ARG A 11 6.32 -5.32 -8.92
N PRO A 12 7.12 -4.37 -9.42
CA PRO A 12 8.45 -4.10 -8.87
C PRO A 12 8.38 -3.45 -7.50
N TYR A 13 7.58 -2.39 -7.37
CA TYR A 13 7.43 -1.68 -6.11
C TYR A 13 6.23 -2.21 -5.34
N ILE A 14 6.43 -2.41 -4.03
CA ILE A 14 5.36 -2.91 -3.17
C ILE A 14 5.32 -2.17 -1.84
N CYS A 15 4.20 -1.54 -1.55
CA CYS A 15 4.04 -0.80 -0.31
C CYS A 15 4.34 -1.67 0.91
N THR A 16 5.43 -1.35 1.60
CA THR A 16 5.83 -2.11 2.78
C THR A 16 5.16 -1.58 4.04
N VAL A 17 3.88 -1.24 3.92
CA VAL A 17 3.12 -0.73 5.05
C VAL A 17 1.79 -1.45 5.20
N CYS A 18 1.08 -1.60 4.08
CA CYS A 18 -0.21 -2.27 4.08
C CYS A 18 -0.15 -3.57 3.28
N GLY A 19 0.58 -3.55 2.18
CA GLY A 19 0.71 -4.73 1.33
C GLY A 19 0.19 -4.51 -0.06
N LYS A 20 0.37 -3.30 -0.59
CA LYS A 20 -0.10 -2.96 -1.92
C LYS A 20 1.07 -2.95 -2.91
N ALA A 21 0.75 -3.04 -4.20
CA ALA A 21 1.75 -3.04 -5.25
C ALA A 21 1.48 -1.95 -6.28
N PHE A 22 2.54 -1.30 -6.74
CA PHE A 22 2.42 -0.24 -7.73
C PHE A 22 3.47 -0.38 -8.83
N THR A 23 3.03 -0.26 -10.07
CA THR A 23 3.93 -0.38 -11.22
C THR A 23 4.84 0.82 -11.33
N ASP A 24 4.34 1.98 -10.91
CA ASP A 24 5.12 3.21 -10.96
C ASP A 24 5.50 3.67 -9.55
N ARG A 25 6.80 3.64 -9.27
CA ARG A 25 7.31 4.05 -7.96
C ARG A 25 6.55 5.27 -7.45
N SER A 26 6.55 6.33 -8.25
CA SER A 26 5.86 7.56 -7.87
C SER A 26 4.54 7.27 -7.18
N ASN A 27 3.69 6.50 -7.85
CA ASN A 27 2.39 6.13 -7.30
C ASN A 27 2.52 5.64 -5.86
N LEU A 28 3.39 4.65 -5.66
CA LEU A 28 3.61 4.09 -4.34
C LEU A 28 3.89 5.19 -3.32
N ILE A 29 4.82 6.08 -3.67
CA ILE A 29 5.18 7.18 -2.78
C ILE A 29 3.95 8.00 -2.39
N LYS A 30 3.14 8.33 -3.39
CA LYS A 30 1.93 9.11 -3.15
C LYS A 30 0.91 8.32 -2.34
N HIS A 31 0.86 7.02 -2.58
CA HIS A 31 -0.07 6.13 -1.87
C HIS A 31 0.31 6.04 -0.39
N GLN A 32 1.59 5.79 -0.13
CA GLN A 32 2.07 5.66 1.24
C GLN A 32 1.58 6.82 2.10
N LYS A 33 1.41 7.98 1.47
CA LYS A 33 0.94 9.17 2.18
C LYS A 33 -0.32 8.86 2.99
N ILE A 34 -1.14 7.96 2.47
CA ILE A 34 -2.38 7.58 3.14
C ILE A 34 -2.10 7.05 4.54
N HIS A 35 -0.95 6.42 4.71
CA HIS A 35 -0.55 5.86 6.00
C HIS A 35 0.01 6.96 6.91
N THR A 36 0.50 8.04 6.30
CA THR A 36 1.07 9.15 7.05
C THR A 36 0.24 10.41 6.89
N GLY A 37 -0.85 10.50 7.66
CA GLY A 37 -1.72 11.66 7.57
C GLY A 37 -3.03 11.46 8.30
N GLU A 38 -3.52 10.22 8.29
CA GLU A 38 -4.78 9.89 8.96
C GLU A 38 -4.54 8.99 10.17
N LYS A 39 -5.21 9.31 11.27
CA LYS A 39 -5.07 8.52 12.50
C LYS A 39 -6.09 7.39 12.53
N PRO A 40 -5.70 6.26 13.13
CA PRO A 40 -6.56 5.09 13.25
C PRO A 40 -7.72 5.31 14.22
N SER A 41 -8.36 4.21 14.64
CA SER A 41 -9.48 4.30 15.57
C SER A 41 -9.21 3.50 16.83
N GLY A 42 -8.42 4.07 17.74
CA GLY A 42 -8.10 3.39 18.97
C GLY A 42 -6.60 3.34 19.22
N PRO A 43 -5.88 2.62 18.36
CA PRO A 43 -4.42 2.47 18.47
C PRO A 43 -3.68 3.77 18.17
N SER A 44 -4.44 4.83 17.92
CA SER A 44 -3.86 6.14 17.61
C SER A 44 -2.58 6.36 18.41
N SER A 45 -1.43 6.24 17.74
CA SER A 45 -0.15 6.43 18.39
C SER A 45 0.51 7.73 17.95
N GLY A 46 0.78 8.61 18.92
CA GLY A 46 1.40 9.88 18.61
C GLY A 46 0.39 10.98 18.42
ZN ZN B . 0.21 1.13 1.53
N GLY A 1 -16.37 -12.25 -8.56
CA GLY A 1 -16.35 -10.80 -8.53
C GLY A 1 -15.05 -10.24 -8.00
N SER A 2 -14.04 -10.17 -8.85
CA SER A 2 -12.73 -9.65 -8.45
C SER A 2 -12.05 -8.94 -9.62
N SER A 3 -11.72 -7.67 -9.42
CA SER A 3 -11.07 -6.88 -10.45
C SER A 3 -9.62 -7.31 -10.63
N GLY A 4 -9.31 -7.86 -11.81
CA GLY A 4 -7.96 -8.31 -12.09
C GLY A 4 -7.91 -9.36 -13.17
N SER A 5 -7.60 -8.94 -14.40
CA SER A 5 -7.53 -9.86 -15.52
C SER A 5 -6.25 -9.64 -16.32
N SER A 6 -5.83 -10.67 -17.05
CA SER A 6 -4.62 -10.59 -17.86
C SER A 6 -3.51 -9.86 -17.10
N GLY A 7 -3.39 -10.15 -15.80
CA GLY A 7 -2.37 -9.51 -14.99
C GLY A 7 -1.57 -10.50 -14.17
N THR A 8 -0.44 -10.94 -14.71
CA THR A 8 0.41 -11.91 -14.03
C THR A 8 1.86 -11.44 -14.01
N GLY A 9 2.34 -11.02 -12.85
CA GLY A 9 3.70 -10.55 -12.72
C GLY A 9 4.04 -10.09 -11.31
N GLU A 10 5.29 -9.67 -11.12
CA GLU A 10 5.72 -9.20 -9.80
C GLU A 10 6.17 -7.74 -9.86
N ARG A 11 5.26 -6.85 -9.46
CA ARG A 11 5.57 -5.42 -9.47
C ARG A 11 6.92 -5.14 -8.84
N PRO A 12 7.65 -4.16 -9.40
CA PRO A 12 8.97 -3.76 -8.91
C PRO A 12 8.90 -3.08 -7.54
N TYR A 13 7.77 -2.46 -7.25
CA TYR A 13 7.58 -1.76 -5.98
C TYR A 13 6.32 -2.25 -5.28
N ILE A 14 6.42 -2.47 -3.98
CA ILE A 14 5.28 -2.94 -3.18
C ILE A 14 5.30 -2.33 -1.79
N CYS A 15 4.22 -1.63 -1.44
CA CYS A 15 4.11 -1.00 -0.14
C CYS A 15 4.41 -1.99 0.98
N THR A 16 5.26 -1.57 1.91
CA THR A 16 5.64 -2.42 3.04
C THR A 16 4.92 -2.00 4.32
N VAL A 17 3.67 -1.57 4.17
CA VAL A 17 2.87 -1.15 5.32
C VAL A 17 1.53 -1.86 5.35
N CYS A 18 0.85 -1.87 4.21
CA CYS A 18 -0.45 -2.52 4.10
C CYS A 18 -0.36 -3.77 3.23
N GLY A 19 0.39 -3.67 2.13
CA GLY A 19 0.54 -4.80 1.23
C GLY A 19 -0.04 -4.52 -0.14
N LYS A 20 0.28 -3.36 -0.69
CA LYS A 20 -0.22 -2.96 -2.01
C LYS A 20 0.92 -2.91 -3.02
N ALA A 21 0.61 -3.23 -4.27
CA ALA A 21 1.60 -3.20 -5.34
C ALA A 21 1.35 -2.04 -6.30
N PHE A 22 2.42 -1.38 -6.69
CA PHE A 22 2.33 -0.24 -7.61
C PHE A 22 3.33 -0.37 -8.74
N THR A 23 2.86 -0.21 -9.98
CA THR A 23 3.71 -0.31 -11.15
C THR A 23 4.76 0.80 -11.17
N ASP A 24 4.30 2.04 -11.15
CA ASP A 24 5.19 3.20 -11.16
C ASP A 24 5.54 3.62 -9.74
N ARG A 25 6.83 3.58 -9.41
CA ARG A 25 7.29 3.96 -8.09
C ARG A 25 6.53 5.18 -7.58
N SER A 26 6.59 6.26 -8.33
CA SER A 26 5.91 7.50 -7.95
C SER A 26 4.60 7.20 -7.24
N ASN A 27 3.72 6.47 -7.91
CA ASN A 27 2.42 6.11 -7.33
C ASN A 27 2.59 5.63 -5.90
N LEU A 28 3.45 4.65 -5.70
CA LEU A 28 3.70 4.09 -4.37
C LEU A 28 3.94 5.21 -3.35
N ILE A 29 4.83 6.13 -3.68
CA ILE A 29 5.14 7.24 -2.80
C ILE A 29 3.89 8.03 -2.45
N LYS A 30 3.08 8.32 -3.46
CA LYS A 30 1.84 9.07 -3.27
C LYS A 30 0.85 8.27 -2.42
N HIS A 31 0.90 6.95 -2.55
CA HIS A 31 0.01 6.07 -1.81
C HIS A 31 0.35 6.10 -0.31
N GLN A 32 1.64 6.10 -0.01
CA GLN A 32 2.10 6.12 1.38
C GLN A 32 1.47 7.29 2.14
N LYS A 33 1.16 8.36 1.42
CA LYS A 33 0.55 9.54 2.02
C LYS A 33 -0.64 9.15 2.89
N ILE A 34 -1.17 7.96 2.67
CA ILE A 34 -2.30 7.47 3.43
C ILE A 34 -1.87 6.96 4.81
N HIS A 35 -0.68 6.37 4.87
CA HIS A 35 -0.15 5.85 6.12
C HIS A 35 0.51 6.96 6.93
N THR A 36 1.04 7.96 6.24
CA THR A 36 1.71 9.08 6.90
C THR A 36 0.76 10.26 7.05
N GLY A 37 -0.40 10.01 7.64
CA GLY A 37 -1.38 11.07 7.84
C GLY A 37 -1.79 11.22 9.29
N GLU A 38 -1.27 12.25 9.96
CA GLU A 38 -1.58 12.49 11.36
C GLU A 38 -3.09 12.56 11.57
N LYS A 39 -3.52 12.23 12.79
CA LYS A 39 -4.94 12.25 13.13
C LYS A 39 -5.18 13.06 14.39
N PRO A 40 -6.42 13.58 14.54
CA PRO A 40 -6.80 14.37 15.71
C PRO A 40 -6.89 13.54 16.98
N SER A 41 -6.57 12.26 16.86
CA SER A 41 -6.61 11.35 18.00
C SER A 41 -5.45 10.37 17.97
N GLY A 42 -5.12 9.80 19.12
CA GLY A 42 -4.03 8.84 19.20
C GLY A 42 -4.41 7.48 18.66
N PRO A 43 -5.22 6.74 19.44
CA PRO A 43 -5.68 5.41 19.06
C PRO A 43 -6.67 5.43 17.89
N SER A 44 -6.50 4.51 16.95
CA SER A 44 -7.37 4.43 15.78
C SER A 44 -8.80 4.11 16.20
N SER A 45 -9.73 4.23 15.25
CA SER A 45 -11.13 3.96 15.51
C SER A 45 -11.29 2.78 16.48
N GLY A 46 -10.58 1.69 16.18
CA GLY A 46 -10.66 0.51 17.03
C GLY A 46 -10.02 -0.71 16.38
ZN ZN B . 0.28 0.91 1.75
N GLY A 1 3.13 -33.55 2.45
CA GLY A 1 4.31 -33.15 1.72
C GLY A 1 3.98 -32.36 0.47
N SER A 2 3.99 -31.03 0.59
CA SER A 2 3.67 -30.16 -0.54
C SER A 2 4.78 -29.13 -0.74
N SER A 3 5.11 -28.87 -2.01
CA SER A 3 6.15 -27.90 -2.34
C SER A 3 5.54 -26.63 -2.90
N GLY A 4 6.08 -25.49 -2.47
CA GLY A 4 5.57 -24.20 -2.93
C GLY A 4 5.36 -23.22 -1.80
N SER A 5 5.46 -21.94 -2.10
CA SER A 5 5.28 -20.89 -1.09
C SER A 5 4.12 -19.97 -1.48
N SER A 6 3.39 -19.50 -0.47
CA SER A 6 2.26 -18.62 -0.70
C SER A 6 2.69 -17.15 -0.64
N GLY A 7 2.76 -16.51 -1.80
CA GLY A 7 3.17 -15.12 -1.85
C GLY A 7 4.46 -14.92 -2.61
N THR A 8 4.43 -14.06 -3.63
CA THR A 8 5.60 -13.79 -4.44
C THR A 8 5.54 -12.39 -5.05
N GLY A 9 6.67 -11.71 -5.07
CA GLY A 9 6.72 -10.37 -5.63
C GLY A 9 6.74 -10.37 -7.15
N GLU A 10 5.81 -9.65 -7.75
CA GLU A 10 5.73 -9.58 -9.21
C GLU A 10 6.03 -8.16 -9.70
N ARG A 11 5.75 -7.18 -8.85
CA ARG A 11 5.99 -5.78 -9.19
C ARG A 11 7.27 -5.27 -8.55
N PRO A 12 7.88 -4.25 -9.18
CA PRO A 12 9.13 -3.65 -8.69
C PRO A 12 8.92 -2.86 -7.40
N TYR A 13 7.72 -2.31 -7.23
CA TYR A 13 7.39 -1.53 -6.04
C TYR A 13 6.16 -2.10 -5.35
N ILE A 14 6.27 -2.30 -4.03
CA ILE A 14 5.17 -2.83 -3.24
C ILE A 14 5.20 -2.29 -1.82
N CYS A 15 4.09 -1.68 -1.40
CA CYS A 15 3.99 -1.12 -0.06
C CYS A 15 4.10 -2.22 1.00
N THR A 16 4.79 -1.91 2.09
CA THR A 16 4.96 -2.86 3.18
C THR A 16 3.99 -2.59 4.32
N VAL A 17 3.59 -1.33 4.46
CA VAL A 17 2.66 -0.94 5.50
C VAL A 17 1.37 -1.75 5.43
N CYS A 18 0.69 -1.66 4.29
CA CYS A 18 -0.56 -2.38 4.09
C CYS A 18 -0.32 -3.65 3.28
N GLY A 19 0.45 -3.53 2.20
CA GLY A 19 0.74 -4.67 1.36
C GLY A 19 0.17 -4.52 -0.05
N LYS A 20 0.25 -3.31 -0.58
CA LYS A 20 -0.26 -3.03 -1.93
C LYS A 20 0.87 -3.03 -2.95
N ALA A 21 0.51 -3.10 -4.22
CA ALA A 21 1.49 -3.10 -5.30
C ALA A 21 1.23 -1.98 -6.29
N PHE A 22 2.30 -1.45 -6.87
CA PHE A 22 2.19 -0.36 -7.83
C PHE A 22 3.18 -0.54 -8.98
N THR A 23 2.81 -0.06 -10.16
CA THR A 23 3.66 -0.17 -11.34
C THR A 23 4.86 0.77 -11.24
N ASP A 24 4.59 2.07 -11.14
CA ASP A 24 5.64 3.06 -11.03
C ASP A 24 5.80 3.53 -9.59
N ARG A 25 7.05 3.65 -9.15
CA ARG A 25 7.34 4.09 -7.79
C ARG A 25 6.49 5.29 -7.41
N SER A 26 6.52 6.32 -8.27
CA SER A 26 5.76 7.54 -8.02
C SER A 26 4.42 7.21 -7.34
N ASN A 27 3.64 6.34 -7.98
CA ASN A 27 2.34 5.95 -7.45
C ASN A 27 2.47 5.45 -6.01
N LEU A 28 3.45 4.58 -5.78
CA LEU A 28 3.69 4.04 -4.45
C LEU A 28 3.92 5.15 -3.43
N ILE A 29 4.78 6.09 -3.78
CA ILE A 29 5.09 7.21 -2.90
C ILE A 29 3.82 7.96 -2.50
N LYS A 30 3.06 8.40 -3.50
CA LYS A 30 1.82 9.13 -3.25
C LYS A 30 0.86 8.30 -2.40
N HIS A 31 0.92 6.99 -2.58
CA HIS A 31 0.05 6.08 -1.83
C HIS A 31 0.39 6.11 -0.34
N GLN A 32 1.68 6.05 -0.03
CA GLN A 32 2.12 6.08 1.36
C GLN A 32 1.50 7.24 2.11
N LYS A 33 1.11 8.27 1.38
CA LYS A 33 0.50 9.45 1.98
C LYS A 33 -0.62 9.06 2.94
N ILE A 34 -1.19 7.88 2.72
CA ILE A 34 -2.26 7.38 3.57
C ILE A 34 -1.71 6.83 4.89
N HIS A 35 -0.51 6.28 4.84
CA HIS A 35 0.12 5.71 6.02
C HIS A 35 0.96 6.77 6.73
N THR A 36 0.61 8.04 6.53
CA THR A 36 1.33 9.14 7.15
C THR A 36 0.36 10.14 7.78
N GLY A 37 0.09 9.96 9.07
CA GLY A 37 -0.82 10.86 9.76
C GLY A 37 -0.15 11.59 10.91
N GLU A 38 0.36 12.78 10.64
CA GLU A 38 1.03 13.58 11.66
C GLU A 38 0.04 14.09 12.69
N LYS A 39 -1.08 14.65 12.22
CA LYS A 39 -2.11 15.17 13.09
C LYS A 39 -2.76 14.06 13.91
N PRO A 40 -3.19 14.39 15.13
CA PRO A 40 -3.83 13.43 16.04
C PRO A 40 -5.22 13.01 15.55
N SER A 41 -5.49 11.71 15.61
CA SER A 41 -6.78 11.18 15.17
C SER A 41 -6.91 9.70 15.54
N GLY A 42 -8.12 9.17 15.35
CA GLY A 42 -8.36 7.77 15.68
C GLY A 42 -9.29 7.60 16.86
N PRO A 43 -9.88 6.41 16.99
CA PRO A 43 -10.81 6.10 18.08
C PRO A 43 -10.10 6.00 19.43
N SER A 44 -9.92 7.13 20.09
CA SER A 44 -9.26 7.17 21.38
C SER A 44 -10.24 6.82 22.50
N SER A 45 -9.87 5.81 23.30
CA SER A 45 -10.71 5.37 24.40
C SER A 45 -11.43 6.55 25.04
N GLY A 46 -12.74 6.39 25.26
CA GLY A 46 -13.51 7.45 25.87
C GLY A 46 -14.64 7.92 24.97
ZN ZN B . 0.16 1.05 1.69
N GLY A 1 -8.45 -31.30 -9.51
CA GLY A 1 -9.73 -30.66 -9.27
C GLY A 1 -9.63 -29.50 -8.30
N SER A 2 -10.36 -28.43 -8.57
CA SER A 2 -10.35 -27.25 -7.71
C SER A 2 -8.95 -26.66 -7.62
N SER A 3 -8.26 -26.60 -8.77
CA SER A 3 -6.92 -26.05 -8.83
C SER A 3 -6.61 -25.49 -10.22
N GLY A 4 -5.99 -24.31 -10.25
CA GLY A 4 -5.66 -23.69 -11.52
C GLY A 4 -5.99 -22.21 -11.54
N SER A 5 -5.27 -21.46 -12.36
CA SER A 5 -5.48 -20.02 -12.46
C SER A 5 -4.62 -19.42 -13.57
N SER A 6 -5.07 -18.29 -14.12
CA SER A 6 -4.35 -17.62 -15.19
C SER A 6 -4.80 -16.18 -15.34
N GLY A 7 -3.98 -15.36 -15.98
CA GLY A 7 -4.31 -13.97 -16.17
C GLY A 7 -4.15 -13.15 -14.91
N THR A 8 -2.95 -12.59 -14.72
CA THR A 8 -2.66 -11.78 -13.54
C THR A 8 -1.45 -10.88 -13.78
N GLY A 9 -1.30 -9.86 -12.94
CA GLY A 9 -0.18 -8.95 -13.07
C GLY A 9 0.57 -8.77 -11.77
N GLU A 10 1.79 -8.24 -11.87
CA GLU A 10 2.62 -8.01 -10.69
C GLU A 10 3.50 -6.77 -10.87
N ARG A 11 3.59 -5.96 -9.83
CA ARG A 11 4.39 -4.75 -9.87
C ARG A 11 5.64 -4.89 -9.01
N PRO A 12 6.73 -4.24 -9.43
CA PRO A 12 8.01 -4.28 -8.71
C PRO A 12 7.96 -3.52 -7.39
N TYR A 13 7.48 -2.29 -7.43
CA TYR A 13 7.37 -1.46 -6.24
C TYR A 13 6.20 -1.90 -5.37
N ILE A 14 6.47 -2.14 -4.09
CA ILE A 14 5.44 -2.57 -3.16
C ILE A 14 5.45 -1.70 -1.90
N CYS A 15 4.31 -1.64 -1.23
CA CYS A 15 4.18 -0.85 -0.01
C CYS A 15 4.42 -1.71 1.23
N THR A 16 5.50 -1.42 1.94
CA THR A 16 5.84 -2.18 3.15
C THR A 16 5.09 -1.64 4.35
N VAL A 17 3.86 -1.20 4.14
CA VAL A 17 3.04 -0.67 5.22
C VAL A 17 1.69 -1.38 5.29
N CYS A 18 1.10 -1.62 4.13
CA CYS A 18 -0.20 -2.29 4.06
C CYS A 18 -0.09 -3.59 3.26
N GLY A 19 0.68 -3.54 2.17
CA GLY A 19 0.85 -4.72 1.34
C GLY A 19 0.22 -4.56 -0.02
N LYS A 20 0.54 -3.46 -0.70
CA LYS A 20 -0.01 -3.19 -2.02
C LYS A 20 1.11 -3.03 -3.05
N ALA A 21 0.78 -3.25 -4.31
CA ALA A 21 1.75 -3.12 -5.39
C ALA A 21 1.46 -1.91 -6.25
N PHE A 22 2.49 -1.41 -6.94
CA PHE A 22 2.34 -0.24 -7.81
C PHE A 22 3.32 -0.30 -8.97
N THR A 23 2.81 -0.05 -10.18
CA THR A 23 3.65 -0.07 -11.37
C THR A 23 4.81 0.92 -11.26
N ASP A 24 4.47 2.20 -11.17
CA ASP A 24 5.48 3.25 -11.05
C ASP A 24 5.75 3.58 -9.59
N ARG A 25 7.03 3.75 -9.26
CA ARG A 25 7.43 4.07 -7.89
C ARG A 25 6.58 5.21 -7.32
N SER A 26 6.44 6.28 -8.11
CA SER A 26 5.67 7.44 -7.69
C SER A 26 4.38 7.00 -7.00
N ASN A 27 3.55 6.25 -7.72
CA ASN A 27 2.30 5.76 -7.18
C ASN A 27 2.47 5.22 -5.77
N LEU A 28 3.51 4.41 -5.58
CA LEU A 28 3.79 3.83 -4.28
C LEU A 28 4.07 4.92 -3.24
N ILE A 29 4.92 5.88 -3.61
CA ILE A 29 5.26 6.98 -2.72
C ILE A 29 4.03 7.80 -2.36
N LYS A 30 3.36 8.32 -3.39
CA LYS A 30 2.16 9.14 -3.19
C LYS A 30 1.08 8.34 -2.46
N HIS A 31 1.10 7.03 -2.63
CA HIS A 31 0.12 6.16 -2.00
C HIS A 31 0.37 6.08 -0.50
N GLN A 32 1.64 6.07 -0.10
CA GLN A 32 2.00 6.01 1.31
C GLN A 32 1.43 7.20 2.08
N LYS A 33 1.13 8.28 1.36
CA LYS A 33 0.58 9.48 1.96
C LYS A 33 -0.68 9.16 2.77
N ILE A 34 -1.24 7.97 2.54
CA ILE A 34 -2.44 7.54 3.25
C ILE A 34 -2.09 6.99 4.62
N HIS A 35 -0.97 6.28 4.71
CA HIS A 35 -0.52 5.70 5.97
C HIS A 35 0.11 6.76 6.87
N THR A 36 0.38 7.94 6.29
CA THR A 36 0.99 9.03 7.02
C THR A 36 0.17 10.31 6.88
N GLY A 37 -1.14 10.18 7.02
CA GLY A 37 -2.01 11.34 6.91
C GLY A 37 -2.20 12.05 8.23
N GLU A 38 -2.52 11.30 9.28
CA GLU A 38 -2.73 11.87 10.60
C GLU A 38 -1.74 11.29 11.61
N LYS A 39 -1.30 12.12 12.53
CA LYS A 39 -0.35 11.69 13.56
C LYS A 39 -1.01 10.72 14.54
N PRO A 40 -0.23 9.74 15.00
CA PRO A 40 -0.72 8.73 15.95
C PRO A 40 -0.96 9.31 17.34
N SER A 41 -2.18 9.10 17.86
CA SER A 41 -2.54 9.61 19.17
C SER A 41 -3.93 9.12 19.58
N GLY A 42 -4.06 8.73 20.84
CA GLY A 42 -5.34 8.24 21.33
C GLY A 42 -6.04 9.26 22.22
N PRO A 43 -5.69 9.25 23.52
CA PRO A 43 -6.27 10.16 24.51
C PRO A 43 -5.82 11.60 24.30
N SER A 44 -5.04 11.82 23.25
CA SER A 44 -4.54 13.16 22.94
C SER A 44 -5.58 14.22 23.27
N SER A 45 -5.12 15.44 23.56
CA SER A 45 -6.01 16.54 23.89
C SER A 45 -5.76 17.74 22.98
N GLY A 46 -6.63 17.92 22.00
CA GLY A 46 -6.48 19.04 21.08
C GLY A 46 -7.35 20.22 21.46
ZN ZN B . 0.24 1.18 1.54
N GLY A 1 -3.74 -20.63 -2.58
CA GLY A 1 -5.13 -20.35 -2.26
C GLY A 1 -5.86 -19.66 -3.39
N SER A 2 -6.86 -18.86 -3.05
CA SER A 2 -7.65 -18.15 -4.05
C SER A 2 -6.77 -17.68 -5.21
N SER A 3 -5.64 -17.05 -4.86
CA SER A 3 -4.71 -16.56 -5.88
C SER A 3 -3.31 -16.40 -5.29
N GLY A 4 -2.31 -16.82 -6.05
CA GLY A 4 -0.94 -16.72 -5.58
C GLY A 4 -0.09 -17.89 -6.04
N SER A 5 -0.22 -18.28 -7.30
CA SER A 5 0.53 -19.39 -7.85
C SER A 5 1.58 -18.91 -8.84
N SER A 6 1.16 -18.03 -9.76
CA SER A 6 2.05 -17.49 -10.77
C SER A 6 1.60 -16.10 -11.20
N GLY A 7 2.51 -15.37 -11.84
CA GLY A 7 2.19 -14.02 -12.29
C GLY A 7 3.43 -13.21 -12.61
N THR A 8 3.66 -12.93 -13.89
CA THR A 8 4.80 -12.16 -14.31
C THR A 8 4.51 -10.66 -14.31
N GLY A 9 3.97 -10.18 -13.19
CA GLY A 9 3.65 -8.77 -13.07
C GLY A 9 4.89 -7.89 -13.04
N GLU A 10 4.76 -6.66 -13.56
CA GLU A 10 5.87 -5.73 -13.59
C GLU A 10 5.76 -4.71 -12.46
N ARG A 11 5.43 -5.20 -11.26
CA ARG A 11 5.29 -4.34 -10.09
C ARG A 11 6.45 -4.54 -9.12
N PRO A 12 7.59 -3.86 -9.41
CA PRO A 12 8.79 -3.95 -8.58
C PRO A 12 8.61 -3.27 -7.23
N TYR A 13 7.68 -2.33 -7.17
CA TYR A 13 7.40 -1.59 -5.93
C TYR A 13 6.15 -2.13 -5.26
N ILE A 14 6.26 -2.45 -3.98
CA ILE A 14 5.13 -2.96 -3.21
C ILE A 14 5.15 -2.44 -1.77
N CYS A 15 4.14 -1.67 -1.41
CA CYS A 15 4.04 -1.11 -0.07
C CYS A 15 4.17 -2.20 0.98
N THR A 16 5.09 -2.01 1.92
CA THR A 16 5.32 -2.98 2.98
C THR A 16 4.47 -2.64 4.21
N VAL A 17 3.86 -1.47 4.20
CA VAL A 17 3.02 -1.04 5.32
C VAL A 17 1.69 -1.79 5.34
N CYS A 18 0.98 -1.74 4.23
CA CYS A 18 -0.31 -2.42 4.10
C CYS A 18 -0.18 -3.70 3.28
N GLY A 19 0.52 -3.59 2.15
CA GLY A 19 0.71 -4.74 1.28
C GLY A 19 0.16 -4.51 -0.11
N LYS A 20 0.30 -3.29 -0.61
CA LYS A 20 -0.17 -2.93 -1.93
C LYS A 20 0.97 -2.93 -2.95
N ALA A 21 0.64 -3.07 -4.22
CA ALA A 21 1.64 -3.07 -5.28
C ALA A 21 1.37 -1.97 -6.29
N PHE A 22 2.43 -1.34 -6.78
CA PHE A 22 2.32 -0.27 -7.76
C PHE A 22 3.32 -0.44 -8.89
N THR A 23 2.90 -0.11 -10.10
CA THR A 23 3.76 -0.23 -11.28
C THR A 23 4.86 0.83 -11.26
N ASP A 24 4.45 2.08 -11.15
CA ASP A 24 5.39 3.20 -11.12
C ASP A 24 5.69 3.62 -9.70
N ARG A 25 6.98 3.64 -9.36
CA ARG A 25 7.41 4.02 -8.02
C ARG A 25 6.61 5.23 -7.51
N SER A 26 6.63 6.30 -8.29
CA SER A 26 5.91 7.52 -7.92
C SER A 26 4.58 7.18 -7.24
N ASN A 27 3.72 6.48 -7.97
CA ASN A 27 2.41 6.10 -7.45
C ASN A 27 2.52 5.63 -6.00
N LEU A 28 3.37 4.64 -5.77
CA LEU A 28 3.57 4.11 -4.42
C LEU A 28 3.83 5.23 -3.42
N ILE A 29 4.77 6.10 -3.74
CA ILE A 29 5.10 7.23 -2.87
C ILE A 29 3.85 8.01 -2.50
N LYS A 30 3.01 8.29 -3.49
CA LYS A 30 1.78 9.04 -3.28
C LYS A 30 0.81 8.25 -2.42
N HIS A 31 0.83 6.93 -2.56
CA HIS A 31 -0.05 6.06 -1.80
C HIS A 31 0.36 6.05 -0.33
N GLN A 32 1.65 6.03 -0.07
CA GLN A 32 2.18 6.00 1.29
C GLN A 32 1.64 7.19 2.10
N LYS A 33 1.15 8.20 1.39
CA LYS A 33 0.60 9.39 2.03
C LYS A 33 -0.58 9.03 2.92
N ILE A 34 -1.19 7.88 2.66
CA ILE A 34 -2.33 7.42 3.44
C ILE A 34 -1.89 6.88 4.80
N HIS A 35 -0.66 6.37 4.86
CA HIS A 35 -0.12 5.83 6.10
C HIS A 35 0.64 6.89 6.87
N THR A 36 0.93 8.01 6.21
CA THR A 36 1.65 9.11 6.83
C THR A 36 0.70 10.06 7.55
N GLY A 37 1.04 10.43 8.78
CA GLY A 37 0.20 11.33 9.55
C GLY A 37 -1.06 10.67 10.05
N GLU A 38 -0.96 9.39 10.40
CA GLU A 38 -2.11 8.63 10.90
C GLU A 38 -2.85 9.42 11.97
N LYS A 39 -2.13 9.86 12.98
CA LYS A 39 -2.71 10.63 14.08
C LYS A 39 -1.67 11.53 14.73
N PRO A 40 -2.10 12.73 15.15
CA PRO A 40 -1.23 13.71 15.80
C PRO A 40 -0.79 13.27 17.19
N SER A 41 -1.27 12.10 17.62
CA SER A 41 -0.94 11.56 18.93
C SER A 41 0.07 10.42 18.81
N GLY A 42 1.04 10.41 19.73
CA GLY A 42 2.05 9.37 19.70
C GLY A 42 2.67 9.18 18.33
N PRO A 43 3.66 10.03 18.01
CA PRO A 43 4.36 9.98 16.72
C PRO A 43 5.23 8.73 16.59
N SER A 44 5.13 8.07 15.44
CA SER A 44 5.91 6.87 15.19
C SER A 44 7.14 7.19 14.33
N SER A 45 6.91 7.86 13.21
CA SER A 45 8.00 8.23 12.30
C SER A 45 9.18 8.79 13.08
N GLY A 46 10.31 8.09 13.00
CA GLY A 46 11.50 8.54 13.70
C GLY A 46 12.13 9.75 13.05
ZN ZN B . 0.29 1.11 1.86
N GLY A 1 -1.95 -15.38 8.04
CA GLY A 1 -3.20 -14.72 7.73
C GLY A 1 -3.96 -15.42 6.62
N SER A 2 -5.10 -14.87 6.24
CA SER A 2 -5.93 -15.44 5.19
C SER A 2 -5.95 -14.53 3.96
N SER A 3 -5.01 -14.76 3.05
CA SER A 3 -4.91 -13.96 1.83
C SER A 3 -4.32 -14.78 0.69
N GLY A 4 -5.15 -15.08 -0.32
CA GLY A 4 -4.69 -15.85 -1.45
C GLY A 4 -4.11 -14.98 -2.55
N SER A 5 -4.95 -14.17 -3.17
CA SER A 5 -4.52 -13.28 -4.25
C SER A 5 -4.89 -11.84 -3.95
N SER A 6 -3.95 -11.09 -3.37
CA SER A 6 -4.18 -9.70 -3.02
C SER A 6 -3.92 -8.79 -4.23
N GLY A 7 -3.34 -9.37 -5.28
CA GLY A 7 -3.04 -8.61 -6.48
C GLY A 7 -1.63 -8.04 -6.47
N THR A 8 -0.65 -8.91 -6.25
CA THR A 8 0.75 -8.50 -6.22
C THR A 8 1.68 -9.69 -6.34
N GLY A 9 2.85 -9.47 -6.93
CA GLY A 9 3.81 -10.54 -7.09
C GLY A 9 4.81 -10.26 -8.20
N GLU A 10 4.34 -9.64 -9.28
CA GLU A 10 5.19 -9.32 -10.41
C GLU A 10 5.65 -7.87 -10.35
N ARG A 11 4.83 -7.02 -9.76
CA ARG A 11 5.14 -5.60 -9.63
C ARG A 11 6.51 -5.40 -8.99
N PRO A 12 7.25 -4.38 -9.45
CA PRO A 12 8.58 -4.06 -8.93
C PRO A 12 8.53 -3.51 -7.51
N TYR A 13 7.69 -2.51 -7.30
CA TYR A 13 7.55 -1.89 -5.98
C TYR A 13 6.36 -2.47 -5.23
N ILE A 14 6.39 -2.38 -3.90
CA ILE A 14 5.32 -2.89 -3.07
C ILE A 14 5.29 -2.19 -1.72
N CYS A 15 4.15 -1.61 -1.38
CA CYS A 15 3.99 -0.90 -0.12
C CYS A 15 4.26 -1.84 1.06
N THR A 16 5.39 -1.62 1.73
CA THR A 16 5.77 -2.44 2.87
C THR A 16 5.10 -1.95 4.15
N VAL A 17 3.86 -1.48 4.02
CA VAL A 17 3.11 -0.98 5.17
C VAL A 17 1.74 -1.64 5.26
N CYS A 18 1.05 -1.72 4.12
CA CYS A 18 -0.28 -2.33 4.07
C CYS A 18 -0.26 -3.62 3.25
N GLY A 19 0.50 -3.60 2.15
CA GLY A 19 0.59 -4.77 1.31
C GLY A 19 0.04 -4.53 -0.08
N LYS A 20 0.29 -3.35 -0.62
CA LYS A 20 -0.19 -2.99 -1.94
C LYS A 20 0.95 -2.94 -2.95
N ALA A 21 0.61 -3.00 -4.23
CA ALA A 21 1.61 -2.96 -5.28
C ALA A 21 1.38 -1.78 -6.23
N PHE A 22 2.44 -1.32 -6.87
CA PHE A 22 2.35 -0.20 -7.79
C PHE A 22 3.39 -0.31 -8.91
N THR A 23 2.94 -0.16 -10.14
CA THR A 23 3.83 -0.26 -11.30
C THR A 23 4.94 0.78 -11.22
N ASP A 24 4.54 2.04 -11.06
CA ASP A 24 5.51 3.13 -10.96
C ASP A 24 5.83 3.47 -9.50
N ARG A 25 7.06 3.87 -9.25
CA ARG A 25 7.49 4.21 -7.90
C ARG A 25 6.73 5.43 -7.38
N SER A 26 6.42 6.36 -8.29
CA SER A 26 5.70 7.57 -7.91
C SER A 26 4.38 7.24 -7.23
N ASN A 27 3.57 6.41 -7.89
CA ASN A 27 2.28 6.01 -7.36
C ASN A 27 2.42 5.50 -5.92
N LEU A 28 3.48 4.74 -5.67
CA LEU A 28 3.73 4.20 -4.34
C LEU A 28 3.96 5.33 -3.32
N ILE A 29 4.73 6.33 -3.73
CA ILE A 29 5.02 7.47 -2.86
C ILE A 29 3.75 8.24 -2.52
N LYS A 30 2.87 8.41 -3.51
CA LYS A 30 1.62 9.12 -3.30
C LYS A 30 0.65 8.28 -2.47
N HIS A 31 0.76 6.97 -2.58
CA HIS A 31 -0.10 6.06 -1.83
C HIS A 31 0.34 5.97 -0.37
N GLN A 32 1.64 5.77 -0.16
CA GLN A 32 2.18 5.66 1.19
C GLN A 32 1.76 6.85 2.04
N LYS A 33 1.32 7.92 1.38
CA LYS A 33 0.89 9.12 2.08
C LYS A 33 -0.32 8.83 2.97
N ILE A 34 -1.13 7.86 2.56
CA ILE A 34 -2.32 7.49 3.32
C ILE A 34 -1.94 6.96 4.71
N HIS A 35 -0.72 6.46 4.82
CA HIS A 35 -0.23 5.93 6.09
C HIS A 35 0.47 7.03 6.91
N THR A 36 0.12 8.27 6.62
CA THR A 36 0.73 9.41 7.32
C THR A 36 -0.10 9.78 8.55
N GLY A 37 -0.61 8.78 9.26
CA GLY A 37 -1.40 9.02 10.44
C GLY A 37 -0.94 8.21 11.63
N GLU A 38 -1.34 8.63 12.82
CA GLU A 38 -0.97 7.93 14.05
C GLU A 38 -2.03 6.90 14.44
N LYS A 39 -1.60 5.82 15.08
CA LYS A 39 -2.50 4.77 15.51
C LYS A 39 -2.65 4.76 17.03
N PRO A 40 -3.47 5.69 17.55
CA PRO A 40 -3.71 5.81 18.99
C PRO A 40 -4.53 4.64 19.55
N SER A 41 -3.86 3.73 20.25
CA SER A 41 -4.52 2.58 20.83
C SER A 41 -4.11 2.38 22.29
N GLY A 42 -5.00 1.78 23.07
CA GLY A 42 -4.72 1.55 24.47
C GLY A 42 -5.98 1.54 25.32
N PRO A 43 -5.82 1.85 26.61
CA PRO A 43 -6.93 1.88 27.56
C PRO A 43 -7.88 3.06 27.30
N SER A 44 -7.59 3.82 26.25
CA SER A 44 -8.41 4.97 25.88
C SER A 44 -8.94 4.84 24.47
N SER A 45 -10.24 4.58 24.35
CA SER A 45 -10.87 4.43 23.04
C SER A 45 -11.41 5.77 22.54
N GLY A 46 -11.35 5.97 21.22
CA GLY A 46 -11.84 7.20 20.64
C GLY A 46 -13.31 7.43 20.93
ZN ZN B . 0.07 1.20 1.58
N GLY A 1 -13.03 -14.05 -9.84
CA GLY A 1 -12.86 -15.08 -10.86
C GLY A 1 -12.05 -14.60 -12.04
N SER A 2 -12.70 -13.86 -12.93
CA SER A 2 -12.02 -13.34 -14.13
C SER A 2 -12.10 -11.82 -14.16
N SER A 3 -10.96 -11.18 -14.38
CA SER A 3 -10.89 -9.72 -14.44
C SER A 3 -9.63 -9.27 -15.17
N GLY A 4 -9.76 -8.21 -15.96
CA GLY A 4 -8.63 -7.69 -16.69
C GLY A 4 -7.37 -7.62 -15.86
N SER A 5 -6.42 -8.51 -16.14
CA SER A 5 -5.17 -8.56 -15.39
C SER A 5 -4.35 -7.29 -15.63
N SER A 6 -3.21 -7.19 -14.94
CA SER A 6 -2.35 -6.03 -15.07
C SER A 6 -1.00 -6.41 -15.68
N GLY A 7 -0.44 -7.52 -15.20
CA GLY A 7 0.83 -7.98 -15.70
C GLY A 7 1.22 -9.34 -15.13
N THR A 8 2.16 -10.01 -15.80
CA THR A 8 2.62 -11.32 -15.37
C THR A 8 3.58 -11.21 -14.19
N GLY A 9 3.37 -12.03 -13.17
CA GLY A 9 4.23 -12.00 -12.01
C GLY A 9 3.87 -10.89 -11.04
N GLU A 10 4.79 -10.57 -10.14
CA GLU A 10 4.57 -9.51 -9.16
C GLU A 10 5.12 -8.18 -9.66
N ARG A 11 4.91 -7.12 -8.89
CA ARG A 11 5.37 -5.79 -9.24
C ARG A 11 6.68 -5.46 -8.52
N PRO A 12 7.47 -4.54 -9.10
CA PRO A 12 8.74 -4.11 -8.53
C PRO A 12 8.57 -3.32 -7.25
N TYR A 13 7.59 -2.42 -7.24
CA TYR A 13 7.32 -1.58 -6.07
C TYR A 13 6.12 -2.12 -5.29
N ILE A 14 6.26 -2.16 -3.97
CA ILE A 14 5.20 -2.65 -3.10
C ILE A 14 5.23 -1.96 -1.75
N CYS A 15 4.11 -1.35 -1.37
CA CYS A 15 4.01 -0.66 -0.09
C CYS A 15 4.36 -1.59 1.07
N THR A 16 5.42 -1.25 1.80
CA THR A 16 5.85 -2.06 2.93
C THR A 16 5.13 -1.64 4.21
N VAL A 17 3.91 -1.14 4.06
CA VAL A 17 3.12 -0.71 5.21
C VAL A 17 1.80 -1.46 5.28
N CYS A 18 1.10 -1.54 4.15
CA CYS A 18 -0.17 -2.23 4.09
C CYS A 18 -0.07 -3.50 3.25
N GLY A 19 0.69 -3.42 2.16
CA GLY A 19 0.87 -4.58 1.30
C GLY A 19 0.26 -4.36 -0.07
N LYS A 20 0.37 -3.15 -0.59
CA LYS A 20 -0.17 -2.83 -1.91
C LYS A 20 0.93 -2.77 -2.95
N ALA A 21 0.54 -2.94 -4.22
CA ALA A 21 1.51 -2.92 -5.31
C ALA A 21 1.23 -1.75 -6.25
N PHE A 22 2.25 -1.34 -7.00
CA PHE A 22 2.12 -0.23 -7.94
C PHE A 22 3.08 -0.39 -9.11
N THR A 23 2.60 -0.06 -10.30
CA THR A 23 3.42 -0.16 -11.51
C THR A 23 4.67 0.70 -11.40
N ASP A 24 4.47 2.00 -11.16
CA ASP A 24 5.58 2.93 -11.05
C ASP A 24 5.93 3.17 -9.58
N ARG A 25 7.06 3.82 -9.34
CA ARG A 25 7.51 4.12 -7.99
C ARG A 25 6.77 5.32 -7.42
N SER A 26 6.67 6.39 -8.20
CA SER A 26 6.00 7.60 -7.78
C SER A 26 4.60 7.28 -7.26
N ASN A 27 3.90 6.40 -7.95
CA ASN A 27 2.55 6.01 -7.55
C ASN A 27 2.55 5.35 -6.18
N LEU A 28 3.66 4.69 -5.85
CA LEU A 28 3.79 4.01 -4.57
C LEU A 28 4.02 5.02 -3.44
N ILE A 29 4.78 6.07 -3.74
CA ILE A 29 5.07 7.10 -2.76
C ILE A 29 3.84 7.95 -2.47
N LYS A 30 3.07 8.25 -3.51
CA LYS A 30 1.86 9.05 -3.37
C LYS A 30 0.77 8.25 -2.66
N HIS A 31 0.98 6.95 -2.52
CA HIS A 31 0.01 6.08 -1.86
C HIS A 31 0.34 5.92 -0.39
N GLN A 32 1.63 5.95 -0.06
CA GLN A 32 2.09 5.81 1.31
C GLN A 32 1.55 6.95 2.18
N LYS A 33 1.07 8.00 1.53
CA LYS A 33 0.54 9.16 2.24
C LYS A 33 -0.67 8.77 3.07
N ILE A 34 -1.29 7.65 2.73
CA ILE A 34 -2.46 7.18 3.46
C ILE A 34 -2.06 6.53 4.78
N HIS A 35 -0.76 6.34 4.98
CA HIS A 35 -0.26 5.73 6.21
C HIS A 35 0.52 6.77 7.03
N THR A 36 0.21 8.04 6.82
CA THR A 36 0.88 9.12 7.54
C THR A 36 0.21 10.46 7.27
N GLY A 37 0.14 11.30 8.30
CA GLY A 37 -0.48 12.61 8.15
C GLY A 37 -1.67 12.79 9.07
N GLU A 38 -2.57 13.68 8.69
CA GLU A 38 -3.76 13.97 9.49
C GLU A 38 -4.41 12.67 9.97
N LYS A 39 -4.57 11.72 9.05
CA LYS A 39 -5.17 10.43 9.37
C LYS A 39 -4.69 9.92 10.72
N PRO A 40 -5.60 9.32 11.49
CA PRO A 40 -5.30 8.78 12.82
C PRO A 40 -4.41 7.54 12.75
N SER A 41 -3.26 7.62 13.40
CA SER A 41 -2.32 6.50 13.40
C SER A 41 -2.12 5.96 14.81
N GLY A 42 -2.99 5.05 15.21
CA GLY A 42 -2.91 4.46 16.54
C GLY A 42 -1.61 3.73 16.77
N PRO A 43 -1.20 3.61 18.04
CA PRO A 43 0.04 2.92 18.42
C PRO A 43 -0.04 1.41 18.20
N SER A 44 -1.24 0.92 17.91
CA SER A 44 -1.46 -0.50 17.68
C SER A 44 -0.31 -1.10 16.87
N SER A 45 0.68 -1.63 17.58
CA SER A 45 1.84 -2.24 16.93
C SER A 45 2.14 -3.61 17.53
N GLY A 46 1.09 -4.30 17.97
CA GLY A 46 1.26 -5.61 18.56
C GLY A 46 0.11 -5.99 19.48
ZN ZN B . 0.09 1.31 1.64
N GLY A 1 -16.48 -16.64 -3.81
CA GLY A 1 -16.21 -17.33 -5.07
C GLY A 1 -15.33 -16.51 -6.00
N SER A 2 -15.84 -16.25 -7.20
CA SER A 2 -15.09 -15.47 -8.19
C SER A 2 -14.45 -14.25 -7.55
N SER A 3 -13.11 -14.27 -7.47
CA SER A 3 -12.37 -13.16 -6.87
C SER A 3 -10.96 -13.10 -7.45
N GLY A 4 -10.69 -12.04 -8.21
CA GLY A 4 -9.37 -11.88 -8.80
C GLY A 4 -8.76 -10.53 -8.46
N SER A 5 -7.43 -10.46 -8.58
CA SER A 5 -6.71 -9.22 -8.27
C SER A 5 -6.65 -8.32 -9.50
N SER A 6 -5.99 -7.17 -9.34
CA SER A 6 -5.86 -6.21 -10.43
C SER A 6 -4.70 -6.58 -11.34
N GLY A 7 -4.68 -7.84 -11.78
CA GLY A 7 -3.61 -8.30 -12.66
C GLY A 7 -2.87 -9.50 -12.09
N THR A 8 -2.50 -10.42 -12.97
CA THR A 8 -1.78 -11.63 -12.55
C THR A 8 -0.31 -11.32 -12.27
N GLY A 9 0.35 -10.67 -13.21
CA GLY A 9 1.76 -10.33 -13.05
C GLY A 9 2.03 -9.68 -11.70
N GLU A 10 3.31 -9.58 -11.35
CA GLU A 10 3.71 -8.97 -10.09
C GLU A 10 4.34 -7.60 -10.31
N ARG A 11 4.34 -6.79 -9.26
CA ARG A 11 4.91 -5.44 -9.35
C ARG A 11 6.20 -5.35 -8.53
N PRO A 12 7.16 -4.55 -9.03
CA PRO A 12 8.44 -4.35 -8.36
C PRO A 12 8.31 -3.54 -7.07
N TYR A 13 7.60 -2.43 -7.15
CA TYR A 13 7.40 -1.56 -6.00
C TYR A 13 6.19 -2.02 -5.18
N ILE A 14 6.41 -2.24 -3.88
CA ILE A 14 5.34 -2.68 -2.99
C ILE A 14 5.36 -1.89 -1.69
N CYS A 15 4.20 -1.81 -1.04
CA CYS A 15 4.09 -1.09 0.22
C CYS A 15 4.27 -2.03 1.40
N THR A 16 5.32 -1.79 2.19
CA THR A 16 5.61 -2.61 3.35
C THR A 16 4.86 -2.12 4.58
N VAL A 17 3.64 -1.63 4.37
CA VAL A 17 2.81 -1.13 5.46
C VAL A 17 1.43 -1.78 5.44
N CYS A 18 0.82 -1.82 4.26
CA CYS A 18 -0.50 -2.41 4.10
C CYS A 18 -0.45 -3.66 3.22
N GLY A 19 0.44 -3.62 2.22
CA GLY A 19 0.57 -4.75 1.31
C GLY A 19 -0.03 -4.48 -0.05
N LYS A 20 0.38 -3.39 -0.67
CA LYS A 20 -0.13 -3.02 -1.99
C LYS A 20 1.01 -2.91 -3.00
N ALA A 21 0.68 -3.14 -4.27
CA ALA A 21 1.68 -3.07 -5.33
C ALA A 21 1.44 -1.86 -6.22
N PHE A 22 2.44 -1.53 -7.04
CA PHE A 22 2.34 -0.38 -7.94
C PHE A 22 3.35 -0.49 -9.08
N THR A 23 2.99 0.06 -10.24
CA THR A 23 3.86 0.01 -11.40
C THR A 23 4.99 1.03 -11.28
N ASP A 24 4.62 2.30 -11.25
CA ASP A 24 5.61 3.38 -11.14
C ASP A 24 5.82 3.77 -9.68
N ARG A 25 7.08 3.81 -9.25
CA ARG A 25 7.42 4.17 -7.88
C ARG A 25 6.66 5.42 -7.45
N SER A 26 6.49 6.35 -8.37
CA SER A 26 5.79 7.60 -8.09
C SER A 26 4.41 7.33 -7.52
N ASN A 27 3.67 6.42 -8.17
CA ASN A 27 2.34 6.07 -7.73
C ASN A 27 2.36 5.43 -6.34
N LEU A 28 3.53 4.92 -5.95
CA LEU A 28 3.69 4.29 -4.65
C LEU A 28 3.92 5.33 -3.56
N ILE A 29 4.71 6.35 -3.88
CA ILE A 29 5.01 7.41 -2.93
C ILE A 29 3.75 8.20 -2.58
N LYS A 30 2.81 8.27 -3.52
CA LYS A 30 1.56 8.99 -3.30
C LYS A 30 0.62 8.18 -2.42
N HIS A 31 0.72 6.86 -2.49
CA HIS A 31 -0.12 5.98 -1.69
C HIS A 31 0.38 5.91 -0.26
N GLN A 32 1.70 5.82 -0.10
CA GLN A 32 2.31 5.74 1.23
C GLN A 32 1.85 6.90 2.10
N LYS A 33 1.34 7.95 1.47
CA LYS A 33 0.87 9.12 2.19
C LYS A 33 -0.32 8.78 3.08
N ILE A 34 -1.10 7.78 2.67
CA ILE A 34 -2.27 7.35 3.42
C ILE A 34 -1.86 6.82 4.79
N HIS A 35 -0.60 6.40 4.91
CA HIS A 35 -0.08 5.87 6.17
C HIS A 35 0.61 6.95 6.98
N THR A 36 0.89 8.08 6.32
CA THR A 36 1.56 9.20 6.98
C THR A 36 0.55 10.17 7.57
N GLY A 37 -0.50 9.63 8.17
CA GLY A 37 -1.53 10.46 8.77
C GLY A 37 -1.75 10.16 10.24
N GLU A 38 -2.74 9.32 10.53
CA GLU A 38 -3.06 8.96 11.90
C GLU A 38 -2.00 8.00 12.46
N LYS A 39 -1.64 8.19 13.72
CA LYS A 39 -0.64 7.35 14.37
C LYS A 39 -1.19 5.94 14.60
N PRO A 40 -0.32 4.94 14.47
CA PRO A 40 -0.69 3.53 14.66
C PRO A 40 -0.99 3.21 16.11
N SER A 41 -0.67 4.15 17.01
CA SER A 41 -0.91 3.96 18.43
C SER A 41 -2.22 3.22 18.67
N GLY A 42 -3.33 3.83 18.25
CA GLY A 42 -4.62 3.21 18.43
C GLY A 42 -5.40 3.82 19.59
N PRO A 43 -6.37 3.06 20.11
CA PRO A 43 -7.20 3.50 21.25
C PRO A 43 -6.41 3.58 22.54
N SER A 44 -6.74 4.58 23.36
CA SER A 44 -6.06 4.77 24.65
C SER A 44 -6.86 4.14 25.78
N SER A 45 -7.34 2.93 25.55
CA SER A 45 -8.12 2.21 26.55
C SER A 45 -7.34 1.04 27.12
N GLY A 46 -6.42 1.34 28.03
CA GLY A 46 -5.61 0.30 28.65
C GLY A 46 -6.43 -0.64 29.50
ZN ZN B . 0.17 1.01 1.90
N GLY A 1 -17.05 -19.09 -6.90
CA GLY A 1 -16.18 -20.23 -7.17
C GLY A 1 -14.74 -19.96 -6.79
N SER A 2 -13.81 -20.39 -7.63
CA SER A 2 -12.39 -20.20 -7.37
C SER A 2 -11.74 -19.38 -8.48
N SER A 3 -11.28 -18.19 -8.13
CA SER A 3 -10.63 -17.31 -9.09
C SER A 3 -9.33 -16.74 -8.52
N GLY A 4 -8.34 -16.58 -9.38
CA GLY A 4 -7.05 -16.05 -8.95
C GLY A 4 -7.04 -14.53 -8.91
N SER A 5 -7.00 -13.97 -7.70
CA SER A 5 -6.99 -12.53 -7.52
C SER A 5 -5.85 -12.09 -6.62
N SER A 6 -5.31 -10.90 -6.86
CA SER A 6 -4.21 -10.38 -6.07
C SER A 6 -3.10 -11.41 -5.93
N GLY A 7 -2.81 -12.11 -7.03
CA GLY A 7 -1.77 -13.12 -7.01
C GLY A 7 -0.94 -13.13 -8.28
N THR A 8 -1.51 -13.66 -9.35
CA THR A 8 -0.82 -13.73 -10.63
C THR A 8 -0.50 -12.34 -11.17
N GLY A 9 0.78 -12.09 -11.41
CA GLY A 9 1.19 -10.79 -11.92
C GLY A 9 1.43 -9.78 -10.81
N GLU A 10 2.68 -9.63 -10.41
CA GLU A 10 3.03 -8.69 -9.34
C GLU A 10 3.75 -7.47 -9.92
N ARG A 11 4.09 -6.53 -9.04
CA ARG A 11 4.78 -5.32 -9.45
C ARG A 11 6.14 -5.21 -8.78
N PRO A 12 7.03 -4.38 -9.36
CA PRO A 12 8.38 -4.17 -8.85
C PRO A 12 8.39 -3.42 -7.52
N TYR A 13 7.51 -2.43 -7.41
CA TYR A 13 7.41 -1.62 -6.19
C TYR A 13 6.24 -2.07 -5.34
N ILE A 14 6.49 -2.30 -4.05
CA ILE A 14 5.46 -2.73 -3.13
C ILE A 14 5.45 -1.86 -1.87
N CYS A 15 4.25 -1.56 -1.37
CA CYS A 15 4.11 -0.74 -0.18
C CYS A 15 4.37 -1.57 1.08
N THR A 16 5.46 -1.25 1.77
CA THR A 16 5.83 -1.96 2.99
C THR A 16 5.08 -1.40 4.19
N VAL A 17 3.81 -1.03 3.99
CA VAL A 17 3.00 -0.49 5.07
C VAL A 17 1.67 -1.23 5.17
N CYS A 18 1.03 -1.46 4.03
CA CYS A 18 -0.25 -2.16 4.01
C CYS A 18 -0.13 -3.48 3.24
N GLY A 19 0.65 -3.46 2.17
CA GLY A 19 0.84 -4.65 1.36
C GLY A 19 0.27 -4.51 -0.03
N LYS A 20 0.40 -3.32 -0.60
CA LYS A 20 -0.11 -3.06 -1.95
C LYS A 20 1.02 -3.04 -2.96
N ALA A 21 0.66 -3.10 -4.25
CA ALA A 21 1.65 -3.08 -5.32
C ALA A 21 1.37 -1.95 -6.31
N PHE A 22 2.42 -1.39 -6.87
CA PHE A 22 2.29 -0.31 -7.84
C PHE A 22 3.29 -0.47 -8.98
N THR A 23 2.83 -0.22 -10.20
CA THR A 23 3.68 -0.34 -11.38
C THR A 23 4.84 0.64 -11.33
N ASP A 24 4.53 1.89 -10.99
CA ASP A 24 5.54 2.93 -10.89
C ASP A 24 5.70 3.42 -9.45
N ARG A 25 6.94 3.49 -8.98
CA ARG A 25 7.23 3.93 -7.63
C ARG A 25 6.51 5.23 -7.32
N SER A 26 6.60 6.19 -8.23
CA SER A 26 5.95 7.49 -8.06
C SER A 26 4.62 7.33 -7.32
N ASN A 27 3.70 6.59 -7.92
CA ASN A 27 2.39 6.37 -7.32
C ASN A 27 2.52 5.81 -5.91
N LEU A 28 3.35 4.78 -5.76
CA LEU A 28 3.57 4.16 -4.47
C LEU A 28 3.90 5.21 -3.41
N ILE A 29 4.77 6.15 -3.77
CA ILE A 29 5.17 7.21 -2.85
C ILE A 29 3.97 8.03 -2.39
N LYS A 30 3.14 8.43 -3.35
CA LYS A 30 1.95 9.21 -3.05
C LYS A 30 0.94 8.39 -2.25
N HIS A 31 0.87 7.09 -2.54
CA HIS A 31 -0.05 6.20 -1.85
C HIS A 31 0.35 6.04 -0.38
N GLN A 32 1.65 5.88 -0.14
CA GLN A 32 2.14 5.72 1.22
C GLN A 32 1.64 6.84 2.12
N LYS A 33 1.26 7.96 1.51
CA LYS A 33 0.76 9.10 2.26
C LYS A 33 -0.50 8.73 3.05
N ILE A 34 -1.25 7.78 2.53
CA ILE A 34 -2.47 7.33 3.19
C ILE A 34 -2.17 6.67 4.53
N HIS A 35 -0.89 6.49 4.81
CA HIS A 35 -0.46 5.87 6.07
C HIS A 35 0.17 6.91 6.99
N THR A 36 0.67 8.00 6.41
CA THR A 36 1.29 9.06 7.18
C THR A 36 0.29 9.70 8.15
N GLY A 37 -0.99 9.57 7.84
CA GLY A 37 -2.02 10.14 8.69
C GLY A 37 -3.27 9.28 8.74
N GLU A 38 -3.08 7.98 8.92
CA GLU A 38 -4.20 7.04 8.98
C GLU A 38 -4.78 6.98 10.39
N LYS A 39 -6.05 6.59 10.49
CA LYS A 39 -6.72 6.49 11.78
C LYS A 39 -6.30 5.23 12.51
N PRO A 40 -6.10 5.35 13.83
CA PRO A 40 -5.69 4.22 14.68
C PRO A 40 -6.81 3.19 14.85
N SER A 41 -6.42 1.92 14.92
CA SER A 41 -7.40 0.85 15.09
C SER A 41 -7.26 0.19 16.45
N GLY A 42 -7.79 0.84 17.48
CA GLY A 42 -7.72 0.31 18.83
C GLY A 42 -6.77 1.09 19.70
N PRO A 43 -6.75 0.76 21.01
CA PRO A 43 -5.89 1.43 21.98
C PRO A 43 -4.42 1.10 21.79
N SER A 44 -4.13 -0.20 21.70
CA SER A 44 -2.76 -0.65 21.51
C SER A 44 -1.77 0.22 22.29
N SER A 45 -2.15 0.55 23.53
CA SER A 45 -1.31 1.39 24.37
C SER A 45 -0.73 0.57 25.53
N GLY A 46 0.60 0.52 25.61
CA GLY A 46 1.24 -0.22 26.67
C GLY A 46 2.12 0.66 27.55
ZN ZN B . 0.20 1.35 1.62
N GLY A 1 3.98 -23.10 -7.51
CA GLY A 1 2.60 -22.67 -7.37
C GLY A 1 2.08 -21.96 -8.61
N SER A 2 0.85 -22.27 -8.98
CA SER A 2 0.23 -21.67 -10.15
C SER A 2 -0.63 -20.47 -9.76
N SER A 3 -1.14 -19.76 -10.77
CA SER A 3 -1.98 -18.59 -10.53
C SER A 3 -2.55 -18.05 -11.82
N GLY A 4 -3.62 -17.27 -11.72
CA GLY A 4 -4.26 -16.72 -12.90
C GLY A 4 -5.64 -16.19 -12.62
N SER A 5 -5.73 -14.94 -12.14
CA SER A 5 -7.00 -14.32 -11.82
C SER A 5 -6.92 -12.80 -11.96
N SER A 6 -8.04 -12.19 -12.33
CA SER A 6 -8.09 -10.75 -12.51
C SER A 6 -8.14 -10.04 -11.15
N GLY A 7 -7.06 -9.34 -10.83
CA GLY A 7 -7.00 -8.63 -9.56
C GLY A 7 -5.64 -8.02 -9.30
N THR A 8 -4.78 -8.76 -8.61
CA THR A 8 -3.44 -8.29 -8.29
C THR A 8 -2.54 -8.31 -9.53
N GLY A 9 -1.85 -7.20 -9.78
CA GLY A 9 -0.97 -7.11 -10.93
C GLY A 9 0.48 -7.28 -10.55
N GLU A 10 1.31 -7.68 -11.52
CA GLU A 10 2.73 -7.87 -11.28
C GLU A 10 3.48 -6.54 -11.27
N ARG A 11 3.63 -5.96 -10.08
CA ARG A 11 4.33 -4.69 -9.93
C ARG A 11 5.64 -4.87 -9.19
N PRO A 12 6.66 -4.09 -9.60
CA PRO A 12 7.99 -4.14 -8.99
C PRO A 12 7.99 -3.58 -7.56
N TYR A 13 7.37 -2.43 -7.37
CA TYR A 13 7.30 -1.80 -6.06
C TYR A 13 6.12 -2.34 -5.25
N ILE A 14 6.30 -2.42 -3.94
CA ILE A 14 5.26 -2.92 -3.06
C ILE A 14 5.36 -2.28 -1.67
N CYS A 15 4.25 -1.68 -1.22
CA CYS A 15 4.22 -1.03 0.08
C CYS A 15 4.45 -2.05 1.20
N THR A 16 4.89 -1.55 2.35
CA THR A 16 5.16 -2.41 3.50
C THR A 16 4.18 -2.13 4.64
N VAL A 17 3.66 -0.91 4.66
CA VAL A 17 2.72 -0.51 5.70
C VAL A 17 1.46 -1.37 5.67
N CYS A 18 0.87 -1.50 4.49
CA CYS A 18 -0.33 -2.30 4.32
C CYS A 18 -0.07 -3.51 3.42
N GLY A 19 0.70 -3.30 2.36
CA GLY A 19 1.02 -4.37 1.44
C GLY A 19 0.28 -4.26 0.13
N LYS A 20 0.72 -3.34 -0.71
CA LYS A 20 0.08 -3.12 -2.01
C LYS A 20 1.11 -3.24 -3.14
N ALA A 21 0.67 -2.95 -4.36
CA ALA A 21 1.55 -3.02 -5.52
C ALA A 21 1.34 -1.82 -6.45
N PHE A 22 2.42 -1.28 -6.97
CA PHE A 22 2.35 -0.13 -7.87
C PHE A 22 3.40 -0.24 -8.97
N THR A 23 2.95 -0.15 -10.22
CA THR A 23 3.85 -0.24 -11.36
C THR A 23 5.03 0.72 -11.21
N ASP A 24 4.73 2.01 -11.15
CA ASP A 24 5.76 3.03 -11.01
C ASP A 24 5.96 3.39 -9.53
N ARG A 25 7.17 3.85 -9.21
CA ARG A 25 7.50 4.23 -7.84
C ARG A 25 6.69 5.45 -7.40
N SER A 26 6.58 6.43 -8.29
CA SER A 26 5.84 7.65 -8.00
C SER A 26 4.52 7.33 -7.32
N ASN A 27 3.68 6.54 -8.01
CA ASN A 27 2.38 6.16 -7.47
C ASN A 27 2.51 5.66 -6.04
N LEU A 28 3.44 4.73 -5.82
CA LEU A 28 3.65 4.17 -4.49
C LEU A 28 3.90 5.28 -3.46
N ILE A 29 4.85 6.15 -3.76
CA ILE A 29 5.18 7.25 -2.87
C ILE A 29 3.94 8.03 -2.47
N LYS A 30 3.06 8.27 -3.44
CA LYS A 30 1.82 9.00 -3.19
C LYS A 30 0.86 8.17 -2.32
N HIS A 31 0.86 6.86 -2.53
CA HIS A 31 0.00 5.96 -1.78
C HIS A 31 0.39 5.95 -0.30
N GLN A 32 1.68 5.81 -0.05
CA GLN A 32 2.20 5.78 1.32
C GLN A 32 1.61 6.93 2.15
N LYS A 33 1.15 7.97 1.46
CA LYS A 33 0.57 9.13 2.12
C LYS A 33 -0.60 8.72 3.01
N ILE A 34 -1.40 7.78 2.52
CA ILE A 34 -2.55 7.28 3.28
C ILE A 34 -2.15 6.87 4.68
N HIS A 35 -0.90 6.44 4.83
CA HIS A 35 -0.39 6.01 6.14
C HIS A 35 0.21 7.19 6.89
N THR A 36 0.60 8.23 6.16
CA THR A 36 1.19 9.41 6.77
C THR A 36 0.12 10.28 7.43
N GLY A 37 0.35 10.62 8.70
CA GLY A 37 -0.60 11.44 9.43
C GLY A 37 0.06 12.62 10.12
N GLU A 38 0.57 13.56 9.32
CA GLU A 38 1.24 14.74 9.86
C GLU A 38 0.30 15.93 9.88
N LYS A 39 -0.29 16.24 8.72
CA LYS A 39 -1.21 17.35 8.59
C LYS A 39 -2.20 17.37 9.76
N PRO A 40 -2.48 18.58 10.27
CA PRO A 40 -3.41 18.77 11.39
C PRO A 40 -4.86 18.48 10.99
N SER A 41 -5.08 18.23 9.71
CA SER A 41 -6.42 17.94 9.21
C SER A 41 -7.38 19.07 9.54
N GLY A 42 -6.89 20.30 9.43
CA GLY A 42 -7.72 21.46 9.71
C GLY A 42 -8.59 21.86 8.53
N PRO A 43 -7.97 22.50 7.52
CA PRO A 43 -8.68 22.95 6.33
C PRO A 43 -9.12 21.78 5.45
N SER A 44 -8.24 20.80 5.29
CA SER A 44 -8.53 19.63 4.47
C SER A 44 -9.33 20.03 3.23
N SER A 45 -8.95 21.14 2.62
CA SER A 45 -9.63 21.63 1.43
C SER A 45 -8.65 22.36 0.50
N GLY A 46 -9.13 22.70 -0.69
CA GLY A 46 -8.28 23.40 -1.66
C GLY A 46 -8.84 23.33 -3.06
ZN ZN B . 0.37 0.93 1.96
N GLY A 1 -19.25 -11.45 -1.36
CA GLY A 1 -17.83 -11.73 -1.50
C GLY A 1 -16.96 -10.66 -0.87
N SER A 2 -16.44 -9.76 -1.70
CA SER A 2 -15.58 -8.69 -1.22
C SER A 2 -14.27 -9.25 -0.66
N SER A 3 -13.69 -10.22 -1.37
CA SER A 3 -12.45 -10.83 -0.94
C SER A 3 -11.25 -9.93 -1.24
N GLY A 4 -10.63 -9.43 -0.19
CA GLY A 4 -9.48 -8.55 -0.36
C GLY A 4 -8.20 -9.32 -0.61
N SER A 5 -8.06 -9.87 -1.81
CA SER A 5 -6.87 -10.63 -2.18
C SER A 5 -6.71 -10.72 -3.69
N SER A 6 -5.47 -10.77 -4.15
CA SER A 6 -5.18 -10.85 -5.57
C SER A 6 -4.04 -11.83 -5.85
N GLY A 7 -4.34 -12.85 -6.65
CA GLY A 7 -3.33 -13.85 -6.98
C GLY A 7 -2.30 -13.33 -7.96
N THR A 8 -2.15 -14.02 -9.08
CA THR A 8 -1.20 -13.62 -10.11
C THR A 8 -1.07 -12.11 -10.19
N GLY A 9 0.16 -11.61 -10.23
CA GLY A 9 0.39 -10.18 -10.31
C GLY A 9 1.62 -9.74 -9.54
N GLU A 10 2.64 -9.32 -10.27
CA GLU A 10 3.89 -8.87 -9.64
C GLU A 10 4.19 -7.42 -10.00
N ARG A 11 5.00 -6.77 -9.18
CA ARG A 11 5.36 -5.38 -9.41
C ARG A 11 6.72 -5.06 -8.77
N PRO A 12 7.42 -4.08 -9.36
CA PRO A 12 8.74 -3.65 -8.87
C PRO A 12 8.66 -2.93 -7.52
N TYR A 13 7.58 -2.15 -7.34
CA TYR A 13 7.39 -1.41 -6.11
C TYR A 13 6.20 -1.96 -5.33
N ILE A 14 6.34 -2.03 -4.00
CA ILE A 14 5.28 -2.54 -3.15
C ILE A 14 5.26 -1.80 -1.81
N CYS A 15 4.07 -1.42 -1.36
CA CYS A 15 3.92 -0.72 -0.09
C CYS A 15 4.23 -1.64 1.08
N THR A 16 5.28 -1.31 1.82
CA THR A 16 5.68 -2.10 2.98
C THR A 16 4.93 -1.68 4.23
N VAL A 17 3.67 -1.29 4.05
CA VAL A 17 2.84 -0.86 5.17
C VAL A 17 1.49 -1.58 5.17
N CYS A 18 0.83 -1.57 4.02
CA CYS A 18 -0.47 -2.22 3.88
C CYS A 18 -0.33 -3.52 3.10
N GLY A 19 0.52 -3.52 2.09
CA GLY A 19 0.73 -4.70 1.27
C GLY A 19 0.15 -4.55 -0.12
N LYS A 20 0.22 -3.34 -0.65
CA LYS A 20 -0.30 -3.06 -1.99
C LYS A 20 0.83 -2.99 -3.01
N ALA A 21 0.52 -3.32 -4.26
CA ALA A 21 1.52 -3.30 -5.33
C ALA A 21 1.30 -2.10 -6.25
N PHE A 22 2.39 -1.59 -6.81
CA PHE A 22 2.32 -0.44 -7.70
C PHE A 22 3.29 -0.59 -8.87
N THR A 23 2.84 -0.23 -10.07
CA THR A 23 3.67 -0.34 -11.26
C THR A 23 4.84 0.64 -11.20
N ASP A 24 4.53 1.91 -10.98
CA ASP A 24 5.55 2.94 -10.91
C ASP A 24 5.89 3.26 -9.45
N ARG A 25 7.10 3.79 -9.23
CA ARG A 25 7.54 4.14 -7.88
C ARG A 25 6.71 5.28 -7.32
N SER A 26 6.50 6.32 -8.13
CA SER A 26 5.73 7.48 -7.71
C SER A 26 4.38 7.06 -7.14
N ASN A 27 3.62 6.29 -7.92
CA ASN A 27 2.31 5.82 -7.48
C ASN A 27 2.38 5.27 -6.07
N LEU A 28 3.52 4.70 -5.71
CA LEU A 28 3.70 4.12 -4.38
C LEU A 28 3.95 5.22 -3.35
N ILE A 29 4.80 6.18 -3.70
CA ILE A 29 5.12 7.28 -2.81
C ILE A 29 3.89 8.14 -2.53
N LYS A 30 3.04 8.30 -3.55
CA LYS A 30 1.83 9.09 -3.41
C LYS A 30 0.78 8.33 -2.61
N HIS A 31 0.89 7.02 -2.58
CA HIS A 31 -0.05 6.18 -1.84
C HIS A 31 0.36 6.06 -0.37
N GLN A 32 1.64 5.77 -0.14
CA GLN A 32 2.16 5.63 1.21
C GLN A 32 1.71 6.80 2.09
N LYS A 33 1.33 7.90 1.45
CA LYS A 33 0.88 9.08 2.18
C LYS A 33 -0.29 8.74 3.11
N ILE A 34 -1.17 7.86 2.64
CA ILE A 34 -2.32 7.46 3.44
C ILE A 34 -1.89 6.94 4.80
N HIS A 35 -0.67 6.43 4.88
CA HIS A 35 -0.13 5.90 6.13
C HIS A 35 0.63 6.99 6.90
N THR A 36 1.09 8.01 6.18
CA THR A 36 1.82 9.11 6.79
C THR A 36 1.10 10.43 6.59
N GLY A 37 0.01 10.64 7.32
CA GLY A 37 -0.74 11.86 7.20
C GLY A 37 -1.88 11.94 8.21
N GLU A 38 -2.99 11.29 7.90
CA GLU A 38 -4.15 11.28 8.78
C GLU A 38 -3.79 10.71 10.15
N LYS A 39 -3.31 9.47 10.16
CA LYS A 39 -2.93 8.80 11.40
C LYS A 39 -1.62 9.36 11.94
N PRO A 40 -1.49 9.39 13.27
CA PRO A 40 -0.28 9.90 13.94
C PRO A 40 0.92 8.98 13.74
N SER A 41 1.95 9.50 13.08
CA SER A 41 3.16 8.71 12.82
C SER A 41 3.67 8.07 14.11
N GLY A 42 3.85 8.88 15.14
CA GLY A 42 4.34 8.36 16.41
C GLY A 42 5.77 7.87 16.32
N PRO A 43 6.15 6.99 17.26
CA PRO A 43 7.50 6.42 17.31
C PRO A 43 7.76 5.44 16.17
N SER A 44 6.77 5.30 15.28
CA SER A 44 6.89 4.40 14.14
C SER A 44 8.33 4.37 13.63
N SER A 45 9.01 3.25 13.87
CA SER A 45 10.39 3.08 13.43
C SER A 45 10.61 3.74 12.07
N GLY A 46 11.78 4.35 11.91
CA GLY A 46 12.10 5.02 10.66
C GLY A 46 13.13 6.11 10.82
ZN ZN B . -0.04 1.24 1.59
N GLY A 1 -16.48 -20.04 5.68
CA GLY A 1 -16.34 -19.78 4.26
C GLY A 1 -15.10 -20.43 3.68
N SER A 2 -14.91 -20.25 2.37
CA SER A 2 -13.76 -20.83 1.68
C SER A 2 -12.85 -19.74 1.12
N SER A 3 -12.63 -18.69 1.91
CA SER A 3 -11.80 -17.57 1.48
C SER A 3 -10.40 -17.69 2.10
N GLY A 4 -9.51 -16.78 1.71
CA GLY A 4 -8.16 -16.79 2.22
C GLY A 4 -7.34 -15.61 1.75
N SER A 5 -6.05 -15.83 1.54
CA SER A 5 -5.16 -14.78 1.07
C SER A 5 -3.89 -15.36 0.45
N SER A 6 -3.58 -14.92 -0.76
CA SER A 6 -2.40 -15.40 -1.47
C SER A 6 -2.12 -14.56 -2.70
N GLY A 7 -0.87 -14.57 -3.16
CA GLY A 7 -0.49 -13.80 -4.33
C GLY A 7 0.70 -12.91 -4.08
N THR A 8 1.82 -13.22 -4.71
CA THR A 8 3.04 -12.43 -4.55
C THR A 8 2.92 -11.08 -5.23
N GLY A 9 2.38 -11.09 -6.45
CA GLY A 9 2.22 -9.85 -7.20
C GLY A 9 3.11 -9.79 -8.43
N GLU A 10 2.74 -8.93 -9.38
CA GLU A 10 3.52 -8.79 -10.60
C GLU A 10 4.04 -7.36 -10.76
N ARG A 11 4.39 -6.74 -9.64
CA ARG A 11 4.90 -5.38 -9.64
C ARG A 11 6.17 -5.26 -8.80
N PRO A 12 7.10 -4.42 -9.26
CA PRO A 12 8.38 -4.20 -8.57
C PRO A 12 8.20 -3.44 -7.25
N TYR A 13 7.47 -2.34 -7.30
CA TYR A 13 7.23 -1.53 -6.12
C TYR A 13 6.02 -2.04 -5.34
N ILE A 14 6.21 -2.26 -4.04
CA ILE A 14 5.13 -2.76 -3.19
C ILE A 14 5.23 -2.15 -1.79
N CYS A 15 4.16 -1.49 -1.36
CA CYS A 15 4.12 -0.86 -0.05
C CYS A 15 4.29 -1.92 1.06
N THR A 16 4.80 -1.48 2.20
CA THR A 16 5.02 -2.38 3.33
C THR A 16 4.00 -2.12 4.44
N VAL A 17 3.59 -0.86 4.58
CA VAL A 17 2.61 -0.49 5.60
C VAL A 17 1.36 -1.35 5.51
N CYS A 18 0.87 -1.53 4.29
CA CYS A 18 -0.33 -2.33 4.08
C CYS A 18 -0.01 -3.55 3.21
N GLY A 19 0.79 -3.35 2.18
CA GLY A 19 1.16 -4.43 1.29
C GLY A 19 0.48 -4.33 -0.06
N LYS A 20 0.55 -3.14 -0.67
CA LYS A 20 -0.06 -2.91 -1.97
C LYS A 20 1.00 -2.88 -3.07
N ALA A 21 0.62 -3.33 -4.27
CA ALA A 21 1.54 -3.35 -5.40
C ALA A 21 1.28 -2.17 -6.32
N PHE A 22 2.36 -1.64 -6.90
CA PHE A 22 2.25 -0.50 -7.81
C PHE A 22 3.21 -0.65 -8.99
N THR A 23 2.83 -0.07 -10.12
CA THR A 23 3.65 -0.15 -11.33
C THR A 23 4.75 0.90 -11.31
N ASP A 24 4.36 2.16 -11.14
CA ASP A 24 5.32 3.26 -11.11
C ASP A 24 5.71 3.59 -9.67
N ARG A 25 6.98 3.95 -9.48
CA ARG A 25 7.48 4.28 -8.15
C ARG A 25 6.66 5.41 -7.53
N SER A 26 6.57 6.53 -8.22
CA SER A 26 5.82 7.68 -7.73
C SER A 26 4.49 7.24 -7.14
N ASN A 27 3.79 6.37 -7.85
CA ASN A 27 2.49 5.87 -7.39
C ASN A 27 2.60 5.26 -6.00
N LEU A 28 3.73 4.63 -5.73
CA LEU A 28 3.97 4.00 -4.43
C LEU A 28 4.23 5.06 -3.36
N ILE A 29 4.93 6.12 -3.74
CA ILE A 29 5.24 7.20 -2.81
C ILE A 29 4.00 8.03 -2.48
N LYS A 30 3.19 8.30 -3.51
CA LYS A 30 1.97 9.07 -3.34
C LYS A 30 0.94 8.28 -2.55
N HIS A 31 1.14 6.96 -2.45
CA HIS A 31 0.22 6.09 -1.74
C HIS A 31 0.55 6.07 -0.25
N GLN A 32 1.83 5.91 0.07
CA GLN A 32 2.28 5.86 1.46
C GLN A 32 1.62 6.97 2.28
N LYS A 33 1.22 8.04 1.60
CA LYS A 33 0.58 9.16 2.26
C LYS A 33 -0.64 8.70 3.07
N ILE A 34 -1.41 7.79 2.50
CA ILE A 34 -2.60 7.26 3.16
C ILE A 34 -2.26 6.79 4.58
N HIS A 35 -1.00 6.43 4.79
CA HIS A 35 -0.55 5.96 6.10
C HIS A 35 0.03 7.11 6.91
N THR A 36 0.49 8.15 6.22
CA THR A 36 1.07 9.30 6.88
C THR A 36 0.01 10.15 7.57
N GLY A 37 0.30 10.60 8.78
CA GLY A 37 -0.65 11.41 9.53
C GLY A 37 -2.06 10.83 9.49
N GLU A 38 -2.24 9.68 10.14
CA GLU A 38 -3.54 9.03 10.18
C GLU A 38 -4.33 9.46 11.41
N LYS A 39 -5.11 10.53 11.27
CA LYS A 39 -5.91 11.05 12.38
C LYS A 39 -6.62 9.91 13.11
N PRO A 40 -6.60 9.96 14.45
CA PRO A 40 -7.24 8.95 15.30
C PRO A 40 -8.76 9.00 15.21
N SER A 41 -9.35 8.00 14.57
CA SER A 41 -10.81 7.94 14.41
C SER A 41 -11.45 7.43 15.69
N GLY A 42 -11.08 6.22 16.10
CA GLY A 42 -11.64 5.64 17.30
C GLY A 42 -10.82 4.48 17.84
N PRO A 43 -9.76 4.79 18.59
CA PRO A 43 -8.87 3.78 19.17
C PRO A 43 -9.54 2.98 20.28
N SER A 44 -10.80 3.30 20.54
CA SER A 44 -11.55 2.61 21.58
C SER A 44 -11.27 1.11 21.56
N SER A 45 -10.55 0.64 22.57
CA SER A 45 -10.20 -0.78 22.66
C SER A 45 -11.15 -1.51 23.60
N GLY A 46 -11.33 -2.81 23.35
CA GLY A 46 -12.22 -3.60 24.19
C GLY A 46 -11.56 -4.04 25.48
ZN ZN B . 0.29 1.12 1.87
N GLY A 1 -9.77 -9.34 -2.03
CA GLY A 1 -9.83 -8.02 -2.65
C GLY A 1 -9.12 -7.98 -3.99
N SER A 2 -7.80 -8.16 -3.95
CA SER A 2 -7.00 -8.14 -5.17
C SER A 2 -6.41 -9.51 -5.46
N SER A 3 -6.39 -9.89 -6.74
CA SER A 3 -5.85 -11.18 -7.15
C SER A 3 -4.33 -11.11 -7.34
N GLY A 4 -3.71 -12.26 -7.51
CA GLY A 4 -2.27 -12.31 -7.69
C GLY A 4 -1.51 -12.17 -6.40
N SER A 5 -1.99 -12.86 -5.36
CA SER A 5 -1.35 -12.80 -4.05
C SER A 5 0.11 -13.25 -4.14
N SER A 6 0.35 -14.33 -4.86
CA SER A 6 1.69 -14.87 -5.02
C SER A 6 1.88 -15.47 -6.41
N GLY A 7 3.12 -15.44 -6.90
CA GLY A 7 3.40 -15.99 -8.21
C GLY A 7 4.78 -15.61 -8.72
N THR A 8 4.86 -14.50 -9.43
CA THR A 8 6.13 -14.02 -9.97
C THR A 8 6.34 -12.55 -9.66
N GLY A 9 5.28 -11.76 -9.79
CA GLY A 9 5.39 -10.33 -9.51
C GLY A 9 5.02 -9.48 -10.71
N GLU A 10 3.86 -8.85 -10.66
CA GLU A 10 3.40 -8.01 -11.74
C GLU A 10 3.96 -6.59 -11.61
N ARG A 11 4.24 -6.19 -10.38
CA ARG A 11 4.78 -4.86 -10.10
C ARG A 11 6.03 -4.95 -9.23
N PRO A 12 7.06 -4.17 -9.60
CA PRO A 12 8.32 -4.14 -8.85
C PRO A 12 8.19 -3.48 -7.49
N TYR A 13 7.44 -2.38 -7.44
CA TYR A 13 7.23 -1.67 -6.19
C TYR A 13 6.08 -2.28 -5.40
N ILE A 14 6.22 -2.28 -4.07
CA ILE A 14 5.20 -2.84 -3.19
C ILE A 14 5.19 -2.13 -1.85
N CYS A 15 4.09 -1.45 -1.55
CA CYS A 15 3.95 -0.72 -0.29
C CYS A 15 4.25 -1.64 0.89
N THR A 16 5.37 -1.37 1.57
CA THR A 16 5.77 -2.16 2.72
C THR A 16 5.11 -1.66 4.00
N VAL A 17 3.87 -1.20 3.88
CA VAL A 17 3.12 -0.70 5.02
C VAL A 17 1.77 -1.40 5.17
N CYS A 18 1.06 -1.54 4.05
CA CYS A 18 -0.24 -2.20 4.05
C CYS A 18 -0.18 -3.50 3.25
N GLY A 19 0.55 -3.49 2.15
CA GLY A 19 0.67 -4.68 1.32
C GLY A 19 0.12 -4.46 -0.08
N LYS A 20 0.33 -3.26 -0.61
CA LYS A 20 -0.15 -2.93 -1.95
C LYS A 20 1.01 -2.93 -2.95
N ALA A 21 0.67 -3.20 -4.22
CA ALA A 21 1.68 -3.23 -5.26
C ALA A 21 1.46 -2.10 -6.28
N PHE A 22 2.56 -1.49 -6.73
CA PHE A 22 2.48 -0.40 -7.69
C PHE A 22 3.51 -0.58 -8.79
N THR A 23 3.11 -0.29 -10.03
CA THR A 23 4.00 -0.41 -11.18
C THR A 23 5.08 0.67 -11.15
N ASP A 24 4.67 1.89 -10.85
CA ASP A 24 5.60 3.02 -10.80
C ASP A 24 5.94 3.38 -9.35
N ARG A 25 7.09 4.01 -9.15
CA ARG A 25 7.53 4.41 -7.83
C ARG A 25 6.70 5.57 -7.30
N SER A 26 6.47 6.56 -8.15
CA SER A 26 5.70 7.74 -7.78
C SER A 26 4.32 7.34 -7.24
N ASN A 27 3.68 6.40 -7.93
CA ASN A 27 2.36 5.92 -7.51
C ASN A 27 2.42 5.27 -6.13
N LEU A 28 3.59 4.75 -5.78
CA LEU A 28 3.78 4.11 -4.49
C LEU A 28 4.05 5.14 -3.40
N ILE A 29 4.77 6.20 -3.76
CA ILE A 29 5.10 7.27 -2.82
C ILE A 29 3.87 8.11 -2.50
N LYS A 30 3.01 8.28 -3.49
CA LYS A 30 1.80 9.07 -3.32
C LYS A 30 0.76 8.30 -2.52
N HIS A 31 0.80 6.98 -2.61
CA HIS A 31 -0.13 6.12 -1.90
C HIS A 31 0.21 6.05 -0.42
N GLN A 32 1.50 5.84 -0.13
CA GLN A 32 1.96 5.76 1.26
C GLN A 32 1.45 6.93 2.07
N LYS A 33 1.16 8.04 1.41
CA LYS A 33 0.66 9.24 2.07
C LYS A 33 -0.46 8.89 3.04
N ILE A 34 -1.24 7.87 2.71
CA ILE A 34 -2.34 7.43 3.55
C ILE A 34 -1.84 6.93 4.90
N HIS A 35 -0.67 6.31 4.89
CA HIS A 35 -0.08 5.79 6.12
C HIS A 35 0.76 6.85 6.82
N THR A 36 1.28 7.80 6.03
CA THR A 36 2.10 8.87 6.58
C THR A 36 1.30 9.73 7.57
N GLY A 37 1.63 9.59 8.85
CA GLY A 37 0.93 10.35 9.87
C GLY A 37 0.74 9.56 11.15
N GLU A 38 -0.21 9.99 11.97
CA GLU A 38 -0.50 9.31 13.24
C GLU A 38 -2.00 9.08 13.41
N LYS A 39 -2.38 7.81 13.55
CA LYS A 39 -3.78 7.46 13.72
C LYS A 39 -4.10 7.22 15.20
N PRO A 40 -5.32 7.61 15.61
CA PRO A 40 -5.78 7.45 16.99
C PRO A 40 -6.02 5.99 17.36
N SER A 41 -5.04 5.37 17.99
CA SER A 41 -5.14 3.97 18.39
C SER A 41 -3.95 3.56 19.24
N GLY A 42 -4.24 2.93 20.38
CA GLY A 42 -3.18 2.50 21.28
C GLY A 42 -3.71 1.75 22.48
N PRO A 43 -3.90 2.47 23.60
CA PRO A 43 -4.42 1.88 24.84
C PRO A 43 -5.88 1.47 24.73
N SER A 44 -6.31 0.60 25.63
CA SER A 44 -7.68 0.11 25.63
C SER A 44 -8.65 1.24 26.02
N SER A 45 -8.96 2.10 25.05
CA SER A 45 -9.86 3.22 25.29
C SER A 45 -10.60 3.61 24.02
N GLY A 46 -11.91 3.41 24.01
CA GLY A 46 -12.71 3.74 22.84
C GLY A 46 -12.58 2.70 21.74
ZN ZN B . 0.11 1.28 1.66
N GLY A 1 -16.52 -16.42 -2.35
CA GLY A 1 -15.31 -17.21 -2.17
C GLY A 1 -14.20 -16.82 -3.12
N SER A 2 -13.76 -15.57 -3.03
CA SER A 2 -12.70 -15.07 -3.90
C SER A 2 -11.46 -15.96 -3.81
N SER A 3 -10.65 -15.93 -4.87
CA SER A 3 -9.43 -16.74 -4.91
C SER A 3 -8.23 -15.93 -4.43
N GLY A 4 -8.05 -14.75 -4.99
CA GLY A 4 -6.93 -13.90 -4.60
C GLY A 4 -6.32 -13.18 -5.78
N SER A 5 -5.22 -13.71 -6.29
CA SER A 5 -4.52 -13.11 -7.43
C SER A 5 -4.59 -14.01 -8.65
N SER A 6 -4.19 -13.48 -9.80
CA SER A 6 -4.20 -14.24 -11.04
C SER A 6 -2.79 -14.48 -11.55
N GLY A 7 -2.67 -15.25 -12.62
CA GLY A 7 -1.36 -15.55 -13.19
C GLY A 7 -0.58 -14.29 -13.50
N THR A 8 -0.78 -13.74 -14.69
CA THR A 8 -0.09 -12.53 -15.11
C THR A 8 -0.61 -11.31 -14.37
N GLY A 9 0.26 -10.71 -13.56
CA GLY A 9 -0.14 -9.53 -12.79
C GLY A 9 0.79 -9.26 -11.63
N GLU A 10 1.99 -8.77 -11.92
CA GLU A 10 2.97 -8.47 -10.89
C GLU A 10 3.44 -7.02 -10.99
N ARG A 11 4.26 -6.61 -10.02
CA ARG A 11 4.78 -5.24 -10.01
C ARG A 11 6.11 -5.18 -9.26
N PRO A 12 6.98 -4.25 -9.68
CA PRO A 12 8.30 -4.07 -9.07
C PRO A 12 8.21 -3.49 -7.65
N TYR A 13 7.46 -2.40 -7.51
CA TYR A 13 7.30 -1.76 -6.22
C TYR A 13 6.11 -2.35 -5.46
N ILE A 14 6.25 -2.43 -4.14
CA ILE A 14 5.19 -2.97 -3.29
C ILE A 14 5.24 -2.38 -1.89
N CYS A 15 4.18 -1.66 -1.52
CA CYS A 15 4.10 -1.03 -0.21
C CYS A 15 4.24 -2.08 0.90
N THR A 16 4.86 -1.68 2.00
CA THR A 16 5.07 -2.57 3.13
C THR A 16 4.08 -2.29 4.24
N VAL A 17 3.68 -1.03 4.37
CA VAL A 17 2.72 -0.63 5.40
C VAL A 17 1.47 -1.50 5.35
N CYS A 18 0.82 -1.52 4.20
CA CYS A 18 -0.40 -2.31 4.02
C CYS A 18 -0.11 -3.55 3.19
N GLY A 19 0.71 -3.41 2.16
CA GLY A 19 1.05 -4.53 1.31
C GLY A 19 0.51 -4.38 -0.11
N LYS A 20 0.42 -3.12 -0.56
CA LYS A 20 -0.08 -2.84 -1.90
C LYS A 20 1.04 -2.96 -2.94
N ALA A 21 0.66 -3.08 -4.21
CA ALA A 21 1.63 -3.19 -5.28
C ALA A 21 1.43 -2.09 -6.32
N PHE A 22 2.52 -1.46 -6.72
CA PHE A 22 2.47 -0.39 -7.71
C PHE A 22 3.47 -0.63 -8.84
N THR A 23 3.09 -0.24 -10.05
CA THR A 23 3.96 -0.41 -11.21
C THR A 23 4.98 0.71 -11.31
N ASP A 24 4.65 1.86 -10.73
CA ASP A 24 5.54 3.02 -10.74
C ASP A 24 5.77 3.55 -9.33
N ARG A 25 7.05 3.68 -8.96
CA ARG A 25 7.41 4.17 -7.64
C ARG A 25 6.57 5.39 -7.26
N SER A 26 6.55 6.38 -8.14
CA SER A 26 5.79 7.60 -7.91
C SER A 26 4.45 7.29 -7.25
N ASN A 27 3.68 6.41 -7.88
CA ASN A 27 2.37 6.02 -7.36
C ASN A 27 2.49 5.47 -5.94
N LEU A 28 3.53 4.68 -5.70
CA LEU A 28 3.76 4.10 -4.38
C LEU A 28 3.99 5.18 -3.34
N ILE A 29 4.77 6.19 -3.71
CA ILE A 29 5.07 7.29 -2.80
C ILE A 29 3.82 8.12 -2.49
N LYS A 30 3.04 8.41 -3.53
CA LYS A 30 1.82 9.18 -3.38
C LYS A 30 0.79 8.41 -2.56
N HIS A 31 0.90 7.09 -2.58
CA HIS A 31 -0.01 6.23 -1.83
C HIS A 31 0.38 6.16 -0.36
N GLN A 32 1.67 6.20 -0.10
CA GLN A 32 2.18 6.14 1.27
C GLN A 32 1.56 7.23 2.13
N LYS A 33 1.03 8.26 1.47
CA LYS A 33 0.40 9.37 2.17
C LYS A 33 -0.72 8.88 3.07
N ILE A 34 -1.40 7.82 2.65
CA ILE A 34 -2.49 7.25 3.41
C ILE A 34 -1.99 6.64 4.72
N HIS A 35 -0.68 6.42 4.80
CA HIS A 35 -0.08 5.84 5.99
C HIS A 35 0.51 6.92 6.89
N THR A 36 1.02 7.99 6.27
CA THR A 36 1.61 9.09 7.01
C THR A 36 0.54 10.03 7.56
N GLY A 37 -0.62 10.04 6.90
CA GLY A 37 -1.72 10.89 7.35
C GLY A 37 -2.58 10.22 8.39
N GLU A 38 -2.84 10.93 9.48
CA GLU A 38 -3.66 10.41 10.57
C GLU A 38 -5.14 10.69 10.32
N LYS A 39 -5.97 9.66 10.48
CA LYS A 39 -7.40 9.80 10.28
C LYS A 39 -8.18 9.27 11.48
N PRO A 40 -8.11 10.00 12.61
CA PRO A 40 -8.81 9.63 13.84
C PRO A 40 -10.32 9.77 13.73
N SER A 41 -10.98 8.68 13.38
CA SER A 41 -12.43 8.68 13.23
C SER A 41 -13.00 7.26 13.40
N GLY A 42 -13.75 7.06 14.48
CA GLY A 42 -14.33 5.76 14.73
C GLY A 42 -13.30 4.70 15.06
N PRO A 43 -13.68 3.74 15.93
CA PRO A 43 -12.78 2.66 16.34
C PRO A 43 -12.51 1.67 15.21
N SER A 44 -11.46 1.95 14.44
CA SER A 44 -11.09 1.08 13.32
C SER A 44 -9.63 0.66 13.42
N SER A 45 -8.76 1.62 13.70
CA SER A 45 -7.33 1.35 13.82
C SER A 45 -7.09 0.04 14.56
N GLY A 46 -6.82 -1.02 13.81
CA GLY A 46 -6.56 -2.31 14.42
C GLY A 46 -5.10 -2.71 14.37
ZN ZN B . 0.22 1.01 1.57
N GLY A 1 -14.44 -21.49 -8.22
CA GLY A 1 -14.38 -21.31 -9.66
C GLY A 1 -12.99 -20.93 -10.13
N SER A 2 -12.81 -19.66 -10.48
CA SER A 2 -11.53 -19.16 -10.97
C SER A 2 -11.26 -17.75 -10.45
N SER A 3 -10.18 -17.60 -9.68
CA SER A 3 -9.81 -16.32 -9.12
C SER A 3 -8.33 -16.24 -8.83
N GLY A 4 -7.72 -15.10 -9.13
CA GLY A 4 -6.30 -14.93 -8.89
C GLY A 4 -5.83 -13.51 -9.12
N SER A 5 -6.15 -12.62 -8.17
CA SER A 5 -5.77 -11.23 -8.27
C SER A 5 -4.95 -10.80 -7.06
N SER A 6 -4.16 -9.74 -7.23
CA SER A 6 -3.32 -9.23 -6.16
C SER A 6 -2.68 -10.37 -5.38
N GLY A 7 -2.19 -11.36 -6.11
CA GLY A 7 -1.56 -12.51 -5.47
C GLY A 7 -0.04 -12.45 -5.56
N THR A 8 0.49 -12.81 -6.72
CA THR A 8 1.94 -12.80 -6.92
C THR A 8 2.52 -11.41 -6.69
N GLY A 9 3.85 -11.32 -6.65
CA GLY A 9 4.50 -10.04 -6.44
C GLY A 9 5.50 -9.71 -7.53
N GLU A 10 5.00 -9.63 -8.77
CA GLU A 10 5.85 -9.32 -9.91
C GLU A 10 6.16 -7.82 -9.97
N ARG A 11 5.25 -7.02 -9.44
CA ARG A 11 5.41 -5.57 -9.44
C ARG A 11 6.77 -5.19 -8.85
N PRO A 12 7.38 -4.13 -9.41
CA PRO A 12 8.68 -3.64 -8.95
C PRO A 12 8.61 -2.99 -7.57
N TYR A 13 7.59 -2.18 -7.36
CA TYR A 13 7.39 -1.49 -6.08
C TYR A 13 6.14 -1.98 -5.38
N ILE A 14 6.24 -2.17 -4.07
CA ILE A 14 5.12 -2.64 -3.27
C ILE A 14 5.21 -2.14 -1.83
N CYS A 15 4.17 -1.44 -1.39
CA CYS A 15 4.14 -0.90 -0.03
C CYS A 15 4.31 -2.01 1.00
N THR A 16 5.05 -1.71 2.06
CA THR A 16 5.30 -2.69 3.12
C THR A 16 4.34 -2.49 4.28
N VAL A 17 3.87 -1.26 4.45
CA VAL A 17 2.94 -0.93 5.52
C VAL A 17 1.69 -1.80 5.45
N CYS A 18 0.94 -1.67 4.36
CA CYS A 18 -0.28 -2.43 4.16
C CYS A 18 -0.03 -3.61 3.23
N GLY A 19 0.67 -3.35 2.13
CA GLY A 19 0.97 -4.41 1.17
C GLY A 19 0.40 -4.10 -0.21
N LYS A 20 0.32 -2.82 -0.55
CA LYS A 20 -0.22 -2.40 -1.84
C LYS A 20 0.86 -2.50 -2.92
N ALA A 21 0.46 -2.96 -4.10
CA ALA A 21 1.39 -3.09 -5.22
C ALA A 21 1.18 -1.97 -6.24
N PHE A 22 2.29 -1.41 -6.72
CA PHE A 22 2.23 -0.33 -7.69
C PHE A 22 3.22 -0.57 -8.83
N THR A 23 2.80 -0.25 -10.05
CA THR A 23 3.64 -0.42 -11.23
C THR A 23 4.74 0.63 -11.28
N ASP A 24 4.37 1.88 -10.99
CA ASP A 24 5.32 2.98 -11.00
C ASP A 24 5.70 3.39 -9.58
N ARG A 25 6.98 3.71 -9.39
CA ARG A 25 7.47 4.12 -8.08
C ARG A 25 6.65 5.29 -7.52
N SER A 26 6.65 6.40 -8.26
CA SER A 26 5.90 7.58 -7.83
C SER A 26 4.57 7.19 -7.20
N ASN A 27 3.79 6.39 -7.92
CA ASN A 27 2.50 5.95 -7.43
C ASN A 27 2.59 5.46 -6.00
N LEU A 28 3.52 4.54 -5.74
CA LEU A 28 3.72 3.99 -4.41
C LEU A 28 3.96 5.11 -3.40
N ILE A 29 4.95 5.95 -3.67
CA ILE A 29 5.28 7.05 -2.78
C ILE A 29 4.04 7.88 -2.44
N LYS A 30 3.22 8.14 -3.45
CA LYS A 30 2.00 8.91 -3.26
C LYS A 30 0.98 8.12 -2.44
N HIS A 31 1.06 6.80 -2.53
CA HIS A 31 0.14 5.94 -1.79
C HIS A 31 0.50 5.89 -0.31
N GLN A 32 1.80 5.83 -0.02
CA GLN A 32 2.27 5.79 1.35
C GLN A 32 1.66 6.91 2.18
N LYS A 33 1.23 7.97 1.51
CA LYS A 33 0.62 9.10 2.18
C LYS A 33 -0.63 8.68 2.96
N ILE A 34 -1.29 7.65 2.46
CA ILE A 34 -2.50 7.14 3.12
C ILE A 34 -2.19 6.67 4.53
N HIS A 35 -0.92 6.43 4.81
CA HIS A 35 -0.49 5.98 6.13
C HIS A 35 -0.02 7.15 6.98
N THR A 36 -0.44 8.35 6.61
CA THR A 36 -0.07 9.55 7.34
C THR A 36 -0.84 10.76 6.84
N GLY A 37 -1.70 11.32 7.70
CA GLY A 37 -2.48 12.47 7.32
C GLY A 37 -2.70 13.43 8.47
N GLU A 38 -3.81 14.15 8.45
CA GLU A 38 -4.12 15.11 9.50
C GLU A 38 -5.24 14.59 10.39
N LYS A 39 -6.33 14.15 9.77
CA LYS A 39 -7.47 13.63 10.51
C LYS A 39 -7.22 12.19 10.97
N PRO A 40 -7.63 11.88 12.20
CA PRO A 40 -7.45 10.55 12.79
C PRO A 40 -8.35 9.51 12.12
N SER A 41 -7.92 8.26 12.16
CA SER A 41 -8.68 7.17 11.56
C SER A 41 -9.84 6.75 12.47
N GLY A 42 -9.53 6.53 13.74
CA GLY A 42 -10.55 6.14 14.69
C GLY A 42 -10.23 4.81 15.36
N PRO A 43 -10.88 3.73 14.90
CA PRO A 43 -10.67 2.38 15.45
C PRO A 43 -9.29 1.83 15.12
N SER A 44 -8.61 1.30 16.14
CA SER A 44 -7.28 0.74 15.95
C SER A 44 -7.28 -0.31 14.85
N SER A 45 -6.57 -0.02 13.76
CA SER A 45 -6.48 -0.94 12.63
C SER A 45 -5.36 -1.95 12.83
N GLY A 46 -5.66 -3.22 12.60
CA GLY A 46 -4.66 -4.26 12.74
C GLY A 46 -4.99 -5.22 13.87
ZN ZN B . 0.34 1.01 1.95
N GLY A 1 -0.96 -26.45 -2.26
CA GLY A 1 -0.80 -25.02 -2.23
C GLY A 1 -0.65 -24.42 -3.62
N SER A 2 -1.76 -24.04 -4.22
CA SER A 2 -1.75 -23.45 -5.56
C SER A 2 -1.76 -21.93 -5.49
N SER A 3 -1.47 -21.30 -6.62
CA SER A 3 -1.43 -19.83 -6.69
C SER A 3 -2.35 -19.33 -7.80
N GLY A 4 -3.12 -18.28 -7.49
CA GLY A 4 -4.03 -17.72 -8.47
C GLY A 4 -3.32 -16.82 -9.46
N SER A 5 -3.34 -17.21 -10.73
CA SER A 5 -2.70 -16.43 -11.78
C SER A 5 -3.28 -15.03 -11.86
N SER A 6 -2.42 -14.02 -11.75
CA SER A 6 -2.85 -12.64 -11.80
C SER A 6 -2.09 -11.88 -12.90
N GLY A 7 -2.80 -11.57 -13.98
CA GLY A 7 -2.19 -10.84 -15.08
C GLY A 7 -1.01 -11.58 -15.67
N THR A 8 0.07 -10.85 -15.95
CA THR A 8 1.26 -11.45 -16.52
C THR A 8 2.50 -11.12 -15.68
N GLY A 9 2.73 -9.82 -15.48
CA GLY A 9 3.88 -9.39 -14.69
C GLY A 9 3.50 -8.93 -13.31
N GLU A 10 4.45 -9.01 -12.38
CA GLU A 10 4.20 -8.59 -11.00
C GLU A 10 4.85 -7.23 -10.72
N ARG A 11 4.03 -6.27 -10.26
CA ARG A 11 4.53 -4.94 -9.96
C ARG A 11 5.88 -5.01 -9.25
N PRO A 12 6.80 -4.13 -9.64
CA PRO A 12 8.15 -4.07 -9.06
C PRO A 12 8.12 -3.55 -7.62
N TYR A 13 7.47 -2.41 -7.42
CA TYR A 13 7.38 -1.80 -6.11
C TYR A 13 6.16 -2.31 -5.35
N ILE A 14 6.30 -2.46 -4.03
CA ILE A 14 5.20 -2.94 -3.21
C ILE A 14 5.27 -2.34 -1.80
N CYS A 15 4.26 -1.55 -1.44
CA CYS A 15 4.20 -0.92 -0.14
C CYS A 15 4.43 -1.94 0.97
N THR A 16 5.02 -1.48 2.08
CA THR A 16 5.29 -2.36 3.21
C THR A 16 4.27 -2.16 4.33
N VAL A 17 3.74 -0.94 4.41
CA VAL A 17 2.74 -0.62 5.44
C VAL A 17 1.58 -1.60 5.39
N CYS A 18 0.83 -1.58 4.29
CA CYS A 18 -0.31 -2.46 4.12
C CYS A 18 0.03 -3.64 3.21
N GLY A 19 0.71 -3.34 2.10
CA GLY A 19 1.09 -4.39 1.16
C GLY A 19 0.54 -4.15 -0.22
N LYS A 20 0.41 -2.88 -0.60
CA LYS A 20 -0.11 -2.51 -1.91
C LYS A 20 0.97 -2.65 -2.98
N ALA A 21 0.55 -2.98 -4.21
CA ALA A 21 1.48 -3.13 -5.32
C ALA A 21 1.30 -2.03 -6.35
N PHE A 22 2.41 -1.47 -6.81
CA PHE A 22 2.37 -0.40 -7.80
C PHE A 22 3.33 -0.69 -8.95
N THR A 23 2.99 -0.20 -10.14
CA THR A 23 3.81 -0.40 -11.32
C THR A 23 4.92 0.64 -11.42
N ASP A 24 4.80 1.69 -10.61
CA ASP A 24 5.79 2.76 -10.59
C ASP A 24 5.98 3.32 -9.18
N ARG A 25 7.21 3.69 -8.85
CA ARG A 25 7.52 4.24 -7.53
C ARG A 25 6.69 5.49 -7.26
N SER A 26 6.52 6.32 -8.29
CA SER A 26 5.76 7.55 -8.15
C SER A 26 4.37 7.28 -7.59
N ASN A 27 3.65 6.34 -8.20
CA ASN A 27 2.31 5.99 -7.75
C ASN A 27 2.34 5.42 -6.33
N LEU A 28 3.51 4.96 -5.92
CA LEU A 28 3.67 4.39 -4.58
C LEU A 28 3.91 5.49 -3.55
N ILE A 29 4.85 6.39 -3.85
CA ILE A 29 5.16 7.49 -2.95
C ILE A 29 3.90 8.22 -2.51
N LYS A 30 2.95 8.35 -3.43
CA LYS A 30 1.69 9.03 -3.14
C LYS A 30 0.77 8.15 -2.29
N HIS A 31 1.00 6.84 -2.35
CA HIS A 31 0.20 5.89 -1.58
C HIS A 31 0.57 5.94 -0.10
N GLN A 32 1.88 5.97 0.18
CA GLN A 32 2.36 6.03 1.55
C GLN A 32 1.64 7.11 2.34
N LYS A 33 1.22 8.17 1.65
CA LYS A 33 0.52 9.27 2.28
C LYS A 33 -0.70 8.77 3.05
N ILE A 34 -1.33 7.73 2.53
CA ILE A 34 -2.51 7.14 3.18
C ILE A 34 -2.17 6.60 4.55
N HIS A 35 -0.88 6.38 4.81
CA HIS A 35 -0.42 5.86 6.08
C HIS A 35 0.12 6.98 6.97
N THR A 36 0.30 8.16 6.38
CA THR A 36 0.81 9.31 7.11
C THR A 36 -0.33 10.20 7.60
N GLY A 37 -1.35 9.57 8.16
CA GLY A 37 -2.49 10.32 8.67
C GLY A 37 -2.33 10.71 10.12
N GLU A 38 -3.45 10.70 10.86
CA GLU A 38 -3.42 11.05 12.27
C GLU A 38 -2.87 9.91 13.12
N LYS A 39 -1.54 9.80 13.13
CA LYS A 39 -0.87 8.75 13.90
C LYS A 39 0.31 9.32 14.68
N PRO A 40 0.56 8.74 15.87
CA PRO A 40 1.66 9.17 16.74
C PRO A 40 3.02 8.82 16.17
N SER A 41 4.07 9.30 16.82
CA SER A 41 5.44 9.04 16.37
C SER A 41 5.82 7.58 16.64
N GLY A 42 5.85 7.20 17.90
CA GLY A 42 6.20 5.84 18.27
C GLY A 42 7.67 5.53 18.04
N PRO A 43 7.99 4.25 17.88
CA PRO A 43 9.37 3.80 17.65
C PRO A 43 9.88 4.20 16.27
N SER A 44 8.98 4.26 15.30
CA SER A 44 9.34 4.63 13.94
C SER A 44 10.06 5.97 13.91
N SER A 45 11.34 5.94 13.52
CA SER A 45 12.14 7.16 13.45
C SER A 45 11.70 8.04 12.28
N GLY A 46 12.24 9.25 12.24
CA GLY A 46 11.89 10.18 11.18
C GLY A 46 13.09 10.87 10.59
ZN ZN B . 0.33 0.79 1.89
N GLY A 1 -15.55 -19.53 -1.88
CA GLY A 1 -15.43 -18.23 -1.25
C GLY A 1 -14.02 -17.70 -1.27
N SER A 2 -13.71 -16.84 -2.24
CA SER A 2 -12.38 -16.27 -2.37
C SER A 2 -12.44 -14.95 -3.15
N SER A 3 -11.60 -14.00 -2.73
CA SER A 3 -11.56 -12.69 -3.38
C SER A 3 -10.24 -12.51 -4.15
N GLY A 4 -9.13 -12.61 -3.42
CA GLY A 4 -7.82 -12.45 -4.04
C GLY A 4 -7.67 -11.11 -4.72
N SER A 5 -7.50 -10.05 -3.92
CA SER A 5 -7.34 -8.70 -4.45
C SER A 5 -6.45 -8.71 -5.70
N SER A 6 -5.35 -9.45 -5.62
CA SER A 6 -4.42 -9.53 -6.74
C SER A 6 -4.23 -10.98 -7.17
N GLY A 7 -3.84 -11.17 -8.43
CA GLY A 7 -3.62 -12.52 -8.95
C GLY A 7 -2.61 -12.54 -10.07
N THR A 8 -3.09 -12.45 -11.31
CA THR A 8 -2.21 -12.47 -12.47
C THR A 8 -1.60 -11.10 -12.73
N GLY A 9 -1.19 -10.44 -11.64
CA GLY A 9 -0.59 -9.12 -11.77
C GLY A 9 0.57 -8.93 -10.82
N GLU A 10 1.78 -8.84 -11.38
CA GLU A 10 2.98 -8.65 -10.57
C GLU A 10 3.58 -7.27 -10.80
N ARG A 11 3.84 -6.55 -9.72
CA ARG A 11 4.42 -5.21 -9.81
C ARG A 11 5.83 -5.19 -9.22
N PRO A 12 6.66 -4.26 -9.71
CA PRO A 12 8.05 -4.11 -9.25
C PRO A 12 8.13 -3.58 -7.83
N TYR A 13 7.39 -2.51 -7.56
CA TYR A 13 7.38 -1.90 -6.23
C TYR A 13 6.22 -2.44 -5.39
N ILE A 14 6.42 -2.48 -4.08
CA ILE A 14 5.39 -2.96 -3.17
C ILE A 14 5.43 -2.22 -1.84
N CYS A 15 4.27 -1.82 -1.36
CA CYS A 15 4.18 -1.09 -0.09
C CYS A 15 4.32 -2.05 1.10
N THR A 16 5.01 -1.60 2.14
CA THR A 16 5.21 -2.42 3.33
C THR A 16 4.30 -1.97 4.47
N VAL A 17 3.80 -0.74 4.37
CA VAL A 17 2.91 -0.20 5.39
C VAL A 17 1.63 -1.00 5.48
N CYS A 18 1.02 -1.27 4.33
CA CYS A 18 -0.21 -2.03 4.28
C CYS A 18 -0.04 -3.32 3.49
N GLY A 19 0.63 -3.22 2.34
CA GLY A 19 0.86 -4.39 1.52
C GLY A 19 0.18 -4.29 0.17
N LYS A 20 0.66 -3.37 -0.68
CA LYS A 20 0.08 -3.19 -2.01
C LYS A 20 1.16 -3.29 -3.08
N ALA A 21 0.77 -3.03 -4.32
CA ALA A 21 1.70 -3.09 -5.44
C ALA A 21 1.45 -1.96 -6.43
N PHE A 22 2.52 -1.36 -6.93
CA PHE A 22 2.42 -0.26 -7.89
C PHE A 22 3.48 -0.37 -8.97
N THR A 23 3.08 -0.10 -10.21
CA THR A 23 4.00 -0.17 -11.34
C THR A 23 5.05 0.93 -11.27
N ASP A 24 4.59 2.15 -11.02
CA ASP A 24 5.49 3.30 -10.94
C ASP A 24 5.77 3.66 -9.48
N ARG A 25 7.04 3.84 -9.15
CA ARG A 25 7.45 4.19 -7.79
C ARG A 25 6.62 5.36 -7.26
N SER A 26 6.41 6.35 -8.12
CA SER A 26 5.65 7.54 -7.75
C SER A 26 4.31 7.14 -7.14
N ASN A 27 3.58 6.29 -7.84
CA ASN A 27 2.27 5.83 -7.37
C ASN A 27 2.37 5.26 -5.97
N LEU A 28 3.53 4.69 -5.64
CA LEU A 28 3.75 4.10 -4.34
C LEU A 28 4.05 5.18 -3.30
N ILE A 29 4.87 6.15 -3.67
CA ILE A 29 5.23 7.24 -2.79
C ILE A 29 4.01 8.08 -2.43
N LYS A 30 3.14 8.28 -3.41
CA LYS A 30 1.93 9.07 -3.19
C LYS A 30 0.89 8.27 -2.41
N HIS A 31 0.96 6.95 -2.51
CA HIS A 31 0.03 6.08 -1.81
C HIS A 31 0.37 5.99 -0.32
N GLN A 32 1.66 5.86 -0.02
CA GLN A 32 2.11 5.76 1.36
C GLN A 32 1.63 6.96 2.17
N LYS A 33 1.23 8.02 1.47
CA LYS A 33 0.75 9.23 2.13
C LYS A 33 -0.53 8.95 2.92
N ILE A 34 -1.27 7.93 2.49
CA ILE A 34 -2.51 7.56 3.16
C ILE A 34 -2.25 7.04 4.57
N HIS A 35 -1.05 6.49 4.78
CA HIS A 35 -0.68 5.97 6.08
C HIS A 35 -0.12 7.07 6.98
N THR A 36 0.17 8.22 6.38
CA THR A 36 0.71 9.35 7.11
C THR A 36 -0.40 10.28 7.60
N GLY A 37 -1.48 9.69 8.10
CA GLY A 37 -2.60 10.48 8.59
C GLY A 37 -2.22 11.37 9.76
N GLU A 38 -2.70 12.60 9.74
CA GLU A 38 -2.41 13.56 10.80
C GLU A 38 -3.59 13.70 11.75
N LYS A 39 -3.36 13.45 13.03
CA LYS A 39 -4.41 13.55 14.03
C LYS A 39 -4.42 14.94 14.67
N PRO A 40 -5.62 15.51 14.81
CA PRO A 40 -5.80 16.83 15.41
C PRO A 40 -5.50 16.85 16.91
N SER A 41 -5.15 15.68 17.44
CA SER A 41 -4.84 15.56 18.86
C SER A 41 -3.68 16.47 19.25
N GLY A 42 -3.32 16.45 20.53
CA GLY A 42 -2.23 17.28 21.01
C GLY A 42 -2.71 18.48 21.78
N PRO A 43 -3.08 18.27 23.05
CA PRO A 43 -3.58 19.34 23.93
C PRO A 43 -2.47 20.33 24.32
N SER A 44 -2.26 21.32 23.47
CA SER A 44 -1.23 22.33 23.72
C SER A 44 -1.73 23.72 23.34
N SER A 45 -1.73 24.62 24.32
CA SER A 45 -2.19 25.99 24.10
C SER A 45 -1.00 26.93 23.86
N GLY A 46 -0.97 27.52 22.67
CA GLY A 46 0.11 28.43 22.32
C GLY A 46 0.00 29.76 23.05
ZN ZN B . 0.34 1.22 1.72
#